data_9H1J
#
_entry.id   9H1J
#
_cell.length_a   62.886
_cell.length_b   73.613
_cell.length_c   89.785
_cell.angle_alpha   90.000
_cell.angle_beta   90.219
_cell.angle_gamma   90.000
#
_symmetry.space_group_name_H-M   'P 1 21 1'
#
loop_
_entity.id
_entity.type
_entity.pdbx_description
1 polymer 'VHH 6C10'
2 polymer Sequestosome-1
3 water water
#
loop_
_entity_poly.entity_id
_entity_poly.type
_entity_poly.pdbx_seq_one_letter_code
_entity_poly.pdbx_strand_id
1 'polypeptide(L)'
;EVQLVESGGGLVQPGGSLRLSCVASGFTFSNYWMYWVRQAPGKGLEWVSTINTGSGAAYYTSSVKGRFTISRDNAKNTLY
LQMNSLKSEDTAVYYCATDLRGAQRGQGTQVTVSSHHHHHH
;
A,B,C,D
2 'polypeptide(L)' GPPEADPRLIESLSQMLSMGFSDEGGWLTRLLQTKNYDIGAALDTIQYSKH E,F,G,H
#
# COMPACT_ATOMS: atom_id res chain seq x y z
N GLU A 1 16.32 -29.06 -7.14
CA GLU A 1 16.06 -27.67 -7.50
C GLU A 1 15.57 -26.88 -6.28
N VAL A 2 14.35 -27.19 -5.85
CA VAL A 2 13.78 -26.56 -4.66
C VAL A 2 14.31 -27.28 -3.42
N GLN A 3 14.81 -26.50 -2.46
CA GLN A 3 15.35 -27.04 -1.22
C GLN A 3 14.80 -26.26 -0.03
N LEU A 4 14.41 -26.99 1.00
CA LEU A 4 13.86 -26.42 2.23
C LEU A 4 14.53 -27.11 3.41
N VAL A 5 15.21 -26.34 4.26
CA VAL A 5 15.97 -26.88 5.38
C VAL A 5 15.46 -26.25 6.66
N GLU A 6 14.83 -27.06 7.51
CA GLU A 6 14.31 -26.60 8.79
C GLU A 6 15.35 -26.76 9.89
N SER A 7 15.18 -25.98 10.96
CA SER A 7 16.03 -26.05 12.13
C SER A 7 15.33 -25.35 13.28
N GLY A 8 15.89 -25.54 14.48
CA GLY A 8 15.43 -24.84 15.66
C GLY A 8 14.58 -25.66 16.62
N GLY A 9 14.24 -26.90 16.26
CA GLY A 9 13.44 -27.72 17.14
C GLY A 9 14.22 -28.24 18.34
N GLY A 10 13.47 -28.75 19.31
CA GLY A 10 14.10 -29.28 20.50
C GLY A 10 13.07 -29.73 21.51
N LEU A 11 13.55 -29.96 22.72
CA LEU A 11 12.73 -30.43 23.84
C LEU A 11 12.46 -29.26 24.78
N VAL A 12 11.19 -29.01 25.09
CA VAL A 12 10.79 -27.88 25.91
C VAL A 12 9.73 -28.31 26.91
N GLN A 13 9.62 -27.53 27.98
CA GLN A 13 8.59 -27.73 28.98
C GLN A 13 7.27 -27.13 28.51
N PRO A 14 6.14 -27.58 29.06
CA PRO A 14 4.86 -26.96 28.73
C PRO A 14 4.87 -25.48 29.09
N GLY A 15 4.50 -24.66 28.12
CA GLY A 15 4.60 -23.22 28.25
C GLY A 15 5.88 -22.62 27.70
N GLY A 16 6.84 -23.45 27.32
CA GLY A 16 8.10 -22.96 26.78
C GLY A 16 7.92 -22.32 25.42
N SER A 17 9.01 -21.76 24.92
CA SER A 17 9.01 -21.05 23.65
C SER A 17 10.14 -21.55 22.76
N LEU A 18 9.85 -21.65 21.46
CA LEU A 18 10.83 -22.03 20.45
C LEU A 18 10.66 -21.14 19.24
N ARG A 19 11.67 -21.15 18.37
CA ARG A 19 11.61 -20.43 17.11
C ARG A 19 12.26 -21.30 16.03
N LEU A 20 11.47 -21.72 15.06
CA LEU A 20 11.96 -22.54 13.96
C LEU A 20 12.35 -21.67 12.78
N SER A 21 13.44 -22.03 12.12
CA SER A 21 13.89 -21.37 10.91
C SER A 21 13.86 -22.35 9.75
N CYS A 22 13.72 -21.80 8.54
CA CYS A 22 13.68 -22.64 7.34
C CYS A 22 14.28 -21.84 6.18
N VAL A 23 15.45 -22.26 5.73
CA VAL A 23 16.13 -21.63 4.61
C VAL A 23 15.61 -22.23 3.31
N ALA A 24 15.14 -21.38 2.41
CA ALA A 24 14.57 -21.80 1.14
C ALA A 24 15.43 -21.33 -0.02
N SER A 25 15.49 -22.15 -1.06
CA SER A 25 16.23 -21.82 -2.27
C SER A 25 15.64 -22.59 -3.44
N GLY A 26 16.03 -22.20 -4.64
CA GLY A 26 15.60 -22.88 -5.84
C GLY A 26 14.29 -22.40 -6.43
N PHE A 27 13.72 -21.32 -5.89
CA PHE A 27 12.46 -20.77 -6.40
C PHE A 27 12.34 -19.34 -5.91
N THR A 28 11.26 -18.68 -6.30
CA THR A 28 11.00 -17.29 -5.92
C THR A 28 10.39 -17.29 -4.53
N PHE A 29 11.25 -17.20 -3.51
CA PHE A 29 10.77 -17.22 -2.13
C PHE A 29 10.19 -15.89 -1.70
N SER A 30 10.68 -14.78 -2.27
CA SER A 30 10.29 -13.44 -1.84
C SER A 30 8.86 -13.07 -2.22
N ASN A 31 8.16 -13.90 -3.00
CA ASN A 31 6.75 -13.66 -3.33
C ASN A 31 6.09 -15.02 -3.53
N TYR A 32 5.72 -15.64 -2.42
CA TYR A 32 5.26 -17.03 -2.43
C TYR A 32 4.45 -17.28 -1.17
N TRP A 33 3.42 -18.12 -1.29
CA TRP A 33 2.67 -18.58 -0.13
C TRP A 33 3.45 -19.74 0.49
N MET A 34 4.14 -19.45 1.59
CA MET A 34 4.93 -20.46 2.31
C MET A 34 4.13 -21.00 3.48
N TYR A 35 4.30 -22.29 3.75
CA TYR A 35 3.50 -22.98 4.75
C TYR A 35 4.38 -23.61 5.82
N TRP A 36 3.83 -23.76 7.02
CA TRP A 36 4.36 -24.62 8.05
C TRP A 36 3.38 -25.75 8.30
N VAL A 37 3.85 -26.99 8.22
CA VAL A 37 3.03 -28.16 8.48
C VAL A 37 3.72 -29.00 9.55
N ARG A 38 2.95 -29.87 10.18
CA ARG A 38 3.46 -30.72 11.25
C ARG A 38 2.83 -32.10 11.16
N GLN A 39 3.55 -33.09 11.69
CA GLN A 39 3.09 -34.48 11.72
C GLN A 39 3.13 -34.94 13.17
N ALA A 40 1.96 -34.95 13.83
CA ALA A 40 1.87 -35.39 15.20
C ALA A 40 2.16 -36.89 15.30
N PRO A 41 2.55 -37.37 16.51
CA PRO A 41 2.81 -38.81 16.67
C PRO A 41 1.66 -39.69 16.22
N GLY A 42 1.91 -40.55 15.23
CA GLY A 42 0.89 -41.44 14.73
C GLY A 42 -0.20 -40.76 13.92
N LYS A 43 0.02 -39.52 13.51
CA LYS A 43 -0.95 -38.76 12.75
C LYS A 43 -0.37 -38.38 11.40
N GLY A 44 -1.25 -37.88 10.52
CA GLY A 44 -0.84 -37.43 9.21
C GLY A 44 -0.38 -35.98 9.20
N LEU A 45 0.11 -35.55 8.05
CA LEU A 45 0.57 -34.18 7.89
C LEU A 45 -0.62 -33.22 7.92
N GLU A 46 -0.51 -32.18 8.75
CA GLU A 46 -1.54 -31.17 8.90
C GLU A 46 -0.89 -29.80 8.87
N TRP A 47 -1.59 -28.82 8.29
CA TRP A 47 -1.03 -27.49 8.17
C TRP A 47 -1.11 -26.75 9.49
N VAL A 48 -0.14 -25.86 9.71
CA VAL A 48 -0.04 -25.07 10.93
C VAL A 48 -0.27 -23.59 10.64
N SER A 49 0.50 -23.02 9.73
CA SER A 49 0.39 -21.60 9.40
C SER A 49 0.82 -21.39 7.96
N THR A 50 0.39 -20.26 7.40
CA THR A 50 0.77 -19.87 6.05
C THR A 50 0.95 -18.37 5.99
N ILE A 51 1.83 -17.91 5.11
CA ILE A 51 2.10 -16.49 4.93
C ILE A 51 2.47 -16.25 3.47
N ASN A 52 2.05 -15.10 2.94
CA ASN A 52 2.48 -14.67 1.62
C ASN A 52 3.68 -13.75 1.80
N THR A 53 4.85 -14.21 1.36
CA THR A 53 6.08 -13.45 1.54
C THR A 53 6.08 -12.14 0.76
N GLY A 54 5.13 -11.93 -0.15
CA GLY A 54 5.04 -10.68 -0.87
C GLY A 54 4.28 -9.62 -0.11
N SER A 55 3.06 -9.94 0.34
CA SER A 55 2.23 -8.99 1.05
C SER A 55 2.42 -9.04 2.56
N GLY A 56 2.51 -10.26 3.11
CA GLY A 56 2.63 -10.43 4.54
C GLY A 56 1.39 -10.96 5.23
N ALA A 57 0.36 -11.33 4.49
CA ALA A 57 -0.86 -11.88 5.09
C ALA A 57 -0.57 -13.24 5.70
N ALA A 58 -0.83 -13.38 6.99
CA ALA A 58 -0.54 -14.60 7.73
C ALA A 58 -1.83 -15.20 8.27
N TYR A 59 -1.95 -16.52 8.17
CA TYR A 59 -3.12 -17.23 8.67
C TYR A 59 -2.67 -18.50 9.39
N TYR A 60 -3.41 -18.88 10.43
CA TYR A 60 -3.04 -19.97 11.30
C TYR A 60 -4.21 -20.93 11.45
N THR A 61 -3.89 -22.19 11.72
CA THR A 61 -4.92 -23.15 12.06
C THR A 61 -5.49 -22.82 13.43
N SER A 62 -6.71 -23.30 13.70
CA SER A 62 -7.46 -22.84 14.86
C SER A 62 -6.77 -23.19 16.17
N SER A 63 -6.08 -24.33 16.22
CA SER A 63 -5.46 -24.78 17.47
C SER A 63 -4.20 -24.02 17.84
N VAL A 64 -3.66 -23.19 16.94
CA VAL A 64 -2.44 -22.45 17.21
C VAL A 64 -2.62 -20.94 17.12
N LYS A 65 -3.77 -20.46 16.68
CA LYS A 65 -3.97 -19.02 16.51
C LYS A 65 -3.86 -18.32 17.86
N GLY A 66 -3.01 -17.29 17.92
CA GLY A 66 -2.73 -16.57 19.13
C GLY A 66 -1.51 -17.03 19.88
N ARG A 67 -1.05 -18.26 19.63
CA ARG A 67 0.14 -18.80 20.27
C ARG A 67 1.34 -18.88 19.35
N PHE A 68 1.14 -19.10 18.06
CA PHE A 68 2.22 -19.15 17.09
C PHE A 68 2.22 -17.88 16.25
N THR A 69 3.41 -17.52 15.75
CA THR A 69 3.56 -16.33 14.90
C THR A 69 4.53 -16.67 13.78
N ILE A 70 4.07 -16.52 12.55
CA ILE A 70 4.88 -16.80 11.36
C ILE A 70 5.41 -15.48 10.81
N SER A 71 6.61 -15.52 10.24
CA SER A 71 7.22 -14.34 9.66
C SER A 71 8.23 -14.82 8.62
N ARG A 72 8.87 -13.86 7.95
CA ARG A 72 9.85 -14.20 6.93
C ARG A 72 10.88 -13.09 6.81
N ASP A 73 12.05 -13.47 6.32
CA ASP A 73 13.16 -12.56 6.00
C ASP A 73 13.49 -12.79 4.53
N ASN A 74 12.88 -11.97 3.65
CA ASN A 74 13.09 -12.14 2.22
C ASN A 74 14.55 -11.94 1.83
N ALA A 75 15.28 -11.08 2.56
CA ALA A 75 16.68 -10.87 2.28
C ALA A 75 17.52 -12.09 2.65
N LYS A 76 17.04 -12.89 3.61
CA LYS A 76 17.73 -14.11 4.02
C LYS A 76 17.12 -15.36 3.40
N ASN A 77 16.01 -15.24 2.67
CA ASN A 77 15.29 -16.39 2.12
C ASN A 77 14.93 -17.38 3.23
N THR A 78 14.55 -16.84 4.39
CA THR A 78 14.30 -17.64 5.58
C THR A 78 12.86 -17.46 6.03
N LEU A 79 12.24 -18.57 6.43
CA LEU A 79 10.90 -18.58 7.00
C LEU A 79 10.98 -18.92 8.48
N TYR A 80 10.25 -18.18 9.30
CA TYR A 80 10.29 -18.34 10.74
C TYR A 80 8.94 -18.76 11.28
N LEU A 81 8.95 -19.38 12.45
CA LEU A 81 7.73 -19.78 13.15
C LEU A 81 7.99 -19.65 14.64
N GLN A 82 7.56 -18.55 15.23
CA GLN A 82 7.70 -18.34 16.67
C GLN A 82 6.59 -19.10 17.39
N MET A 83 6.97 -20.02 18.27
CA MET A 83 6.03 -20.83 19.02
C MET A 83 6.10 -20.46 20.50
N ASN A 84 4.95 -20.13 21.08
CA ASN A 84 4.86 -19.76 22.49
C ASN A 84 3.80 -20.61 23.17
N SER A 85 3.96 -20.77 24.48
CA SER A 85 3.01 -21.50 25.33
C SER A 85 2.72 -22.87 24.74
N LEU A 86 3.78 -23.65 24.55
CA LEU A 86 3.69 -24.92 23.85
C LEU A 86 2.96 -25.96 24.69
N LYS A 87 2.07 -26.70 24.05
CA LYS A 87 1.30 -27.76 24.67
C LYS A 87 1.85 -29.12 24.28
N SER A 88 1.29 -30.17 24.89
CA SER A 88 1.68 -31.53 24.53
C SER A 88 1.20 -31.89 23.13
N GLU A 89 0.04 -31.37 22.71
CA GLU A 89 -0.45 -31.65 21.37
C GLU A 89 0.40 -31.01 20.29
N ASP A 90 1.25 -30.05 20.63
CA ASP A 90 2.14 -29.43 19.65
C ASP A 90 3.34 -30.29 19.32
N THR A 91 3.54 -31.40 20.02
CA THR A 91 4.64 -32.31 19.72
C THR A 91 4.45 -32.90 18.33
N ALA A 92 5.42 -32.67 17.45
CA ALA A 92 5.36 -33.12 16.07
C ALA A 92 6.68 -32.83 15.38
N VAL A 93 6.85 -33.39 14.20
CA VAL A 93 7.91 -32.98 13.28
C VAL A 93 7.34 -31.84 12.45
N TYR A 94 8.02 -30.70 12.46
CA TYR A 94 7.55 -29.51 11.77
C TYR A 94 8.31 -29.32 10.47
N TYR A 95 7.56 -29.11 9.39
CA TYR A 95 8.13 -28.88 8.07
C TYR A 95 7.67 -27.52 7.54
N CYS A 96 8.54 -26.89 6.76
CA CYS A 96 8.15 -25.79 5.90
C CYS A 96 7.88 -26.35 4.51
N ALA A 97 6.81 -25.89 3.87
CA ALA A 97 6.38 -26.47 2.61
C ALA A 97 5.94 -25.37 1.66
N THR A 98 5.86 -25.73 0.38
CA THR A 98 5.34 -24.86 -0.66
C THR A 98 3.86 -25.10 -0.95
N ASP A 99 3.22 -26.00 -0.22
CA ASP A 99 1.81 -26.28 -0.40
C ASP A 99 1.19 -26.60 0.96
N LEU A 100 -0.15 -26.59 0.99
CA LEU A 100 -0.87 -26.80 2.24
C LEU A 100 -0.68 -28.22 2.77
N ARG A 101 -0.70 -29.21 1.86
CA ARG A 101 -0.59 -30.61 2.26
C ARG A 101 0.83 -31.02 2.62
N GLY A 102 1.81 -30.17 2.38
CA GLY A 102 3.19 -30.51 2.69
C GLY A 102 3.82 -31.50 1.74
N ALA A 103 3.42 -31.48 0.47
CA ALA A 103 3.98 -32.41 -0.50
C ALA A 103 5.45 -32.10 -0.78
N GLN A 104 5.77 -30.81 -0.99
CA GLN A 104 7.14 -30.37 -1.21
C GLN A 104 7.61 -29.69 0.08
N ARG A 105 8.20 -30.48 0.97
CA ARG A 105 8.65 -30.04 2.28
C ARG A 105 10.13 -30.35 2.44
N GLY A 106 10.65 -30.07 3.63
CA GLY A 106 12.01 -30.40 3.99
C GLY A 106 12.10 -31.67 4.81
N GLN A 107 13.28 -31.90 5.38
CA GLN A 107 13.46 -33.06 6.24
C GLN A 107 12.74 -32.85 7.58
N GLY A 108 12.57 -31.61 8.00
CA GLY A 108 11.81 -31.31 9.20
C GLY A 108 12.68 -31.26 10.45
N THR A 109 12.13 -30.62 11.47
CA THR A 109 12.76 -30.54 12.78
C THR A 109 11.78 -31.05 13.83
N GLN A 110 12.33 -31.63 14.89
CA GLN A 110 11.51 -32.27 15.91
C GLN A 110 11.25 -31.31 17.06
N VAL A 111 9.98 -31.21 17.46
CA VAL A 111 9.57 -30.43 18.62
C VAL A 111 8.85 -31.39 19.55
N THR A 112 9.44 -31.63 20.73
CA THR A 112 8.85 -32.52 21.73
C THR A 112 8.63 -31.73 23.00
N VAL A 113 7.40 -31.78 23.51
CA VAL A 113 7.00 -31.03 24.71
C VAL A 113 6.76 -32.03 25.83
N SER A 114 7.63 -32.00 26.84
CA SER A 114 7.51 -32.87 28.00
C SER A 114 7.90 -32.09 29.24
N SER A 115 7.16 -32.29 30.33
CA SER A 115 7.43 -31.57 31.56
C SER A 115 8.75 -32.01 32.17
N HIS A 116 9.53 -31.05 32.64
CA HIS A 116 10.82 -31.34 33.26
C HIS A 116 10.78 -31.11 34.76
N VAL B 2 19.20 -11.30 -4.19
CA VAL B 2 18.55 -10.38 -5.12
C VAL B 2 18.79 -10.81 -6.55
N GLN B 3 17.71 -10.95 -7.32
CA GLN B 3 17.79 -11.40 -8.70
C GLN B 3 16.89 -10.52 -9.56
N LEU B 4 17.50 -9.79 -10.50
CA LEU B 4 16.79 -8.89 -11.41
C LEU B 4 17.03 -9.35 -12.84
N VAL B 5 15.95 -9.55 -13.59
CA VAL B 5 16.01 -10.04 -14.96
C VAL B 5 15.21 -9.08 -15.84
N GLU B 6 15.90 -8.33 -16.68
CA GLU B 6 15.24 -7.41 -17.61
C GLU B 6 14.92 -8.13 -18.91
N SER B 7 13.93 -7.58 -19.62
CA SER B 7 13.49 -8.13 -20.90
C SER B 7 12.59 -7.11 -21.59
N GLY B 8 12.43 -7.28 -22.90
CA GLY B 8 11.53 -6.46 -23.68
C GLY B 8 12.19 -5.50 -24.65
N GLY B 9 13.49 -5.23 -24.50
CA GLY B 9 14.17 -4.28 -25.36
C GLY B 9 14.31 -4.79 -26.79
N GLY B 10 14.89 -3.94 -27.62
CA GLY B 10 15.13 -4.28 -29.01
C GLY B 10 15.33 -3.04 -29.85
N LEU B 11 15.28 -3.25 -31.16
CA LEU B 11 15.45 -2.17 -32.14
C LEU B 11 14.11 -1.51 -32.43
N VAL B 12 14.12 -0.18 -32.47
CA VAL B 12 12.90 0.60 -32.64
C VAL B 12 13.21 1.82 -33.49
N GLN B 13 12.20 2.32 -34.21
CA GLN B 13 12.34 3.51 -35.01
C GLN B 13 12.05 4.75 -34.18
N PRO B 14 12.52 5.92 -34.61
CA PRO B 14 12.18 7.15 -33.89
C PRO B 14 10.69 7.37 -33.84
N GLY B 15 10.21 7.85 -32.70
CA GLY B 15 8.78 7.99 -32.46
C GLY B 15 8.07 6.70 -32.10
N GLY B 16 8.78 5.57 -32.08
CA GLY B 16 8.18 4.32 -31.70
C GLY B 16 8.04 4.16 -30.20
N SER B 17 7.40 3.06 -29.82
CA SER B 17 7.15 2.75 -28.42
C SER B 17 7.73 1.39 -28.07
N LEU B 18 7.94 1.17 -26.77
CA LEU B 18 8.49 -0.07 -26.27
C LEU B 18 8.16 -0.20 -24.80
N ARG B 19 7.99 -1.44 -24.34
CA ARG B 19 7.64 -1.71 -22.95
C ARG B 19 8.64 -2.72 -22.37
N LEU B 20 9.38 -2.29 -21.36
CA LEU B 20 10.37 -3.14 -20.70
C LEU B 20 9.77 -3.77 -19.44
N SER B 21 10.26 -4.95 -19.11
CA SER B 21 9.85 -5.67 -17.91
C SER B 21 11.08 -6.04 -17.09
N CYS B 22 10.85 -6.34 -15.81
CA CYS B 22 11.95 -6.72 -14.92
C CYS B 22 11.35 -7.52 -13.76
N VAL B 23 11.67 -8.81 -13.72
CA VAL B 23 11.18 -9.69 -12.66
C VAL B 23 12.17 -9.65 -11.50
N ALA B 24 11.70 -9.19 -10.34
CA ALA B 24 12.54 -9.01 -9.17
C ALA B 24 12.22 -10.05 -8.10
N SER B 25 13.26 -10.49 -7.39
CA SER B 25 13.10 -11.45 -6.31
C SER B 25 14.26 -11.28 -5.34
N GLY B 26 14.13 -11.93 -4.19
CA GLY B 26 15.15 -11.87 -3.16
C GLY B 26 15.02 -10.72 -2.18
N PHE B 27 13.88 -10.04 -2.15
CA PHE B 27 13.66 -8.92 -1.26
C PHE B 27 12.18 -8.57 -1.28
N THR B 28 11.74 -7.82 -0.27
CA THR B 28 10.34 -7.39 -0.20
C THR B 28 10.04 -6.41 -1.32
N PHE B 29 9.64 -6.92 -2.49
CA PHE B 29 9.41 -6.08 -3.64
C PHE B 29 8.19 -5.18 -3.46
N SER B 30 7.20 -5.62 -2.68
CA SER B 30 5.93 -4.92 -2.59
C SER B 30 6.01 -3.60 -1.84
N ASN B 31 7.11 -3.33 -1.12
CA ASN B 31 7.28 -2.07 -0.39
C ASN B 31 8.75 -1.68 -0.50
N TYR B 32 9.12 -1.11 -1.65
CA TYR B 32 10.51 -0.87 -1.96
C TYR B 32 10.59 0.20 -3.04
N TRP B 33 11.66 0.99 -3.01
CA TRP B 33 11.94 1.99 -4.03
C TRP B 33 12.73 1.31 -5.16
N MET B 34 12.06 1.06 -6.28
CA MET B 34 12.68 0.47 -7.45
C MET B 34 13.10 1.54 -8.44
N TYR B 35 14.08 1.20 -9.29
CA TYR B 35 14.67 2.16 -10.20
C TYR B 35 14.85 1.54 -11.57
N TRP B 36 14.78 2.37 -12.59
CA TRP B 36 15.26 2.06 -13.94
C TRP B 36 16.45 2.96 -14.24
N VAL B 37 17.56 2.36 -14.65
CA VAL B 37 18.75 3.10 -15.02
C VAL B 37 19.18 2.65 -16.42
N ARG B 38 19.98 3.50 -17.07
CA ARG B 38 20.44 3.20 -18.42
C ARG B 38 21.87 3.70 -18.58
N GLN B 39 22.56 3.11 -19.55
CA GLN B 39 23.94 3.47 -19.87
C GLN B 39 24.00 3.79 -21.36
N ALA B 40 24.08 5.08 -21.69
CA ALA B 40 24.19 5.50 -23.07
C ALA B 40 25.54 5.07 -23.65
N PRO B 41 25.62 4.92 -24.98
CA PRO B 41 26.90 4.53 -25.60
C PRO B 41 28.05 5.45 -25.22
N GLY B 42 29.07 4.90 -24.59
CA GLY B 42 30.21 5.67 -24.15
C GLY B 42 30.00 6.50 -22.92
N LYS B 43 28.84 6.37 -22.26
CA LYS B 43 28.50 7.12 -21.06
C LYS B 43 28.46 6.19 -19.85
N GLY B 44 28.15 6.76 -18.69
CA GLY B 44 28.02 6.01 -17.47
C GLY B 44 26.57 5.75 -17.12
N LEU B 45 26.39 5.01 -16.02
CA LEU B 45 25.05 4.68 -15.56
C LEU B 45 24.34 5.94 -15.07
N GLU B 46 23.14 6.16 -15.60
N GLU B 46 23.13 6.17 -15.60
CA GLU B 46 22.31 7.30 -15.22
CA GLU B 46 22.31 7.30 -15.19
C GLU B 46 20.88 6.81 -14.97
C GLU B 46 20.88 6.83 -14.99
N TRP B 47 20.22 7.38 -13.98
CA TRP B 47 18.87 6.96 -13.61
C TRP B 47 17.85 7.47 -14.61
N VAL B 48 16.82 6.64 -14.85
CA VAL B 48 15.72 6.98 -15.74
C VAL B 48 14.47 7.34 -14.96
N SER B 49 14.04 6.43 -14.08
CA SER B 49 12.82 6.65 -13.31
C SER B 49 12.91 5.92 -11.99
N THR B 50 11.96 6.22 -11.10
CA THR B 50 11.87 5.50 -9.83
C THR B 50 10.41 5.39 -9.43
N ILE B 51 10.08 4.34 -8.68
CA ILE B 51 8.73 4.14 -8.19
C ILE B 51 8.80 3.41 -6.86
N ASN B 52 7.92 3.80 -5.95
CA ASN B 52 7.73 3.08 -4.69
C ASN B 52 6.60 2.08 -4.89
N THR B 53 6.94 0.80 -4.96
CA THR B 53 5.94 -0.22 -5.22
C THR B 53 4.86 -0.28 -4.15
N GLY B 54 5.13 0.30 -2.97
CA GLY B 54 4.12 0.38 -1.94
C GLY B 54 3.09 1.46 -2.19
N SER B 55 3.57 2.70 -2.36
CA SER B 55 2.68 3.85 -2.53
C SER B 55 2.36 4.14 -3.99
N GLY B 56 3.27 3.82 -4.91
CA GLY B 56 3.08 4.13 -6.30
C GLY B 56 3.65 5.46 -6.75
N ALA B 57 4.30 6.20 -5.85
CA ALA B 57 4.89 7.48 -6.22
C ALA B 57 6.00 7.27 -7.25
N ALA B 58 5.85 7.91 -8.40
CA ALA B 58 6.76 7.73 -9.53
C ALA B 58 7.43 9.06 -9.88
N TYR B 59 8.71 9.00 -10.21
CA TYR B 59 9.48 10.17 -10.60
C TYR B 59 10.38 9.81 -11.76
N TYR B 60 10.68 10.80 -12.60
CA TYR B 60 11.41 10.57 -13.84
C TYR B 60 12.50 11.64 -13.99
N THR B 61 13.56 11.27 -14.68
CA THR B 61 14.58 12.26 -15.03
C THR B 61 14.02 13.22 -16.08
N SER B 62 14.62 14.41 -16.14
CA SER B 62 14.02 15.50 -16.92
C SER B 62 13.95 15.19 -18.40
N SER B 63 14.94 14.45 -18.93
CA SER B 63 14.98 14.21 -20.37
C SER B 63 13.91 13.24 -20.84
N VAL B 64 13.36 12.42 -19.94
CA VAL B 64 12.36 11.42 -20.31
C VAL B 64 10.99 11.75 -19.76
N LYS B 65 10.85 12.82 -18.97
CA LYS B 65 9.58 13.13 -18.35
C LYS B 65 8.53 13.42 -19.42
N GLY B 66 7.34 12.82 -19.25
CA GLY B 66 6.26 12.96 -20.19
C GLY B 66 6.20 11.87 -21.24
N ARG B 67 7.34 11.23 -21.54
CA ARG B 67 7.39 10.18 -22.56
C ARG B 67 7.44 8.79 -21.98
N PHE B 68 7.97 8.62 -20.76
CA PHE B 68 8.07 7.32 -20.12
C PHE B 68 7.05 7.23 -18.98
N THR B 69 6.73 5.99 -18.62
CA THR B 69 5.80 5.73 -17.52
C THR B 69 6.23 4.45 -16.82
N ILE B 70 6.58 4.56 -15.54
CA ILE B 70 7.02 3.42 -14.75
C ILE B 70 5.84 2.89 -13.95
N SER B 71 5.72 1.56 -13.91
CA SER B 71 4.64 0.91 -13.17
C SER B 71 5.17 -0.40 -12.60
N ARG B 72 4.33 -1.09 -11.84
CA ARG B 72 4.75 -2.31 -11.19
C ARG B 72 3.55 -3.23 -10.99
N ASP B 73 3.84 -4.49 -10.70
CA ASP B 73 2.83 -5.51 -10.43
C ASP B 73 3.32 -6.32 -9.24
N ASN B 74 2.88 -5.96 -8.04
CA ASN B 74 3.34 -6.65 -6.83
C ASN B 74 2.92 -8.11 -6.82
N ALA B 75 1.79 -8.44 -7.44
CA ALA B 75 1.37 -9.84 -7.51
C ALA B 75 2.35 -10.65 -8.36
N LYS B 76 2.87 -10.06 -9.43
CA LYS B 76 3.86 -10.71 -10.28
C LYS B 76 5.29 -10.33 -9.94
N ASN B 77 5.49 -9.55 -8.88
CA ASN B 77 6.79 -8.98 -8.50
C ASN B 77 7.60 -8.57 -9.72
N THR B 78 6.95 -7.78 -10.59
CA THR B 78 7.51 -7.37 -11.86
C THR B 78 7.43 -5.85 -12.00
N LEU B 79 8.53 -5.25 -12.43
CA LEU B 79 8.59 -3.82 -12.71
C LEU B 79 8.44 -3.58 -14.20
N TYR B 80 7.83 -2.45 -14.55
CA TYR B 80 7.58 -2.11 -15.95
C TYR B 80 8.09 -0.72 -16.26
N LEU B 81 8.29 -0.47 -17.55
CA LEU B 81 8.71 0.85 -18.03
C LEU B 81 8.17 1.01 -19.45
N GLN B 82 7.08 1.76 -19.59
CA GLN B 82 6.52 2.06 -20.90
C GLN B 82 7.29 3.22 -21.52
N MET B 83 7.89 2.98 -22.68
CA MET B 83 8.69 3.97 -23.37
C MET B 83 7.95 4.42 -24.62
N ASN B 84 7.73 5.73 -24.75
CA ASN B 84 7.05 6.30 -25.90
C ASN B 84 7.87 7.45 -26.46
N SER B 85 7.56 7.82 -27.71
CA SER B 85 8.21 8.93 -28.40
C SER B 85 9.74 8.77 -28.35
N LEU B 86 10.20 7.57 -28.68
CA LEU B 86 11.60 7.23 -28.51
C LEU B 86 12.48 8.03 -29.45
N LYS B 87 13.50 8.69 -28.88
CA LYS B 87 14.46 9.48 -29.60
C LYS B 87 15.81 8.76 -29.62
N SER B 88 16.72 9.30 -30.43
N SER B 88 16.73 9.30 -30.44
CA SER B 88 18.06 8.73 -30.52
CA SER B 88 18.06 8.71 -30.52
C SER B 88 18.83 8.85 -29.21
C SER B 88 18.83 8.86 -29.22
N GLU B 89 18.42 9.78 -28.34
CA GLU B 89 19.07 9.93 -27.05
C GLU B 89 18.72 8.80 -26.09
N ASP B 90 17.68 8.03 -26.38
CA ASP B 90 17.23 6.96 -25.52
C ASP B 90 17.97 5.65 -25.73
N THR B 91 18.79 5.57 -26.78
CA THR B 91 19.56 4.35 -27.03
C THR B 91 20.53 4.11 -25.88
N ALA B 92 20.37 2.97 -25.21
CA ALA B 92 21.18 2.64 -24.04
C ALA B 92 20.88 1.22 -23.63
N VAL B 93 21.74 0.69 -22.75
CA VAL B 93 21.47 -0.56 -22.05
C VAL B 93 20.67 -0.23 -20.80
N TYR B 94 19.46 -0.76 -20.71
CA TYR B 94 18.55 -0.42 -19.63
C TYR B 94 18.57 -1.49 -18.54
N TYR B 95 18.81 -1.07 -17.31
CA TYR B 95 18.81 -1.94 -16.15
C TYR B 95 17.70 -1.51 -15.19
N CYS B 96 17.16 -2.48 -14.46
CA CYS B 96 16.36 -2.20 -13.27
C CYS B 96 17.24 -2.41 -12.06
N ALA B 97 17.21 -1.44 -11.14
CA ALA B 97 18.13 -1.43 -10.01
C ALA B 97 17.36 -1.21 -8.72
N THR B 98 18.05 -1.44 -7.59
CA THR B 98 17.51 -1.19 -6.28
C THR B 98 18.03 0.11 -5.67
N ASP B 99 18.89 0.83 -6.38
CA ASP B 99 19.46 2.09 -5.90
C ASP B 99 19.62 3.03 -7.09
N LEU B 100 19.88 4.30 -6.78
CA LEU B 100 19.92 5.33 -7.81
C LEU B 100 21.12 5.18 -8.73
N ARG B 101 22.24 4.71 -8.20
CA ARG B 101 23.47 4.58 -8.97
C ARG B 101 23.53 3.30 -9.80
N GLY B 102 22.55 2.41 -9.66
CA GLY B 102 22.58 1.16 -10.38
C GLY B 102 23.67 0.20 -9.94
N ALA B 103 24.08 0.27 -8.67
CA ALA B 103 25.11 -0.63 -8.17
C ALA B 103 24.61 -2.06 -8.10
N GLN B 104 23.33 -2.25 -7.83
CA GLN B 104 22.70 -3.58 -7.82
C GLN B 104 21.69 -3.60 -8.96
N ARG B 105 22.06 -4.23 -10.07
CA ARG B 105 21.27 -4.21 -11.29
C ARG B 105 21.30 -5.59 -11.92
N GLY B 106 20.39 -5.81 -12.87
CA GLY B 106 20.35 -7.06 -13.61
C GLY B 106 21.32 -7.08 -14.77
N GLN B 107 21.11 -8.02 -15.69
CA GLN B 107 21.96 -8.13 -16.85
C GLN B 107 21.70 -7.05 -17.88
N GLY B 108 20.51 -6.46 -17.88
CA GLY B 108 20.19 -5.39 -18.79
C GLY B 108 19.55 -5.87 -20.09
N THR B 109 18.83 -4.96 -20.72
CA THR B 109 18.23 -5.20 -22.03
C THR B 109 18.52 -4.01 -22.93
N GLN B 110 18.88 -4.30 -24.18
CA GLN B 110 19.32 -3.26 -25.10
C GLN B 110 18.12 -2.60 -25.78
N VAL B 111 18.16 -1.27 -25.85
CA VAL B 111 17.17 -0.49 -26.58
C VAL B 111 17.94 0.42 -27.54
N THR B 112 17.69 0.25 -28.84
CA THR B 112 18.37 1.02 -29.87
C THR B 112 17.34 1.68 -30.77
N VAL B 113 17.44 3.00 -30.92
CA VAL B 113 16.51 3.78 -31.73
C VAL B 113 17.20 4.08 -33.05
N SER B 114 16.71 3.49 -34.14
CA SER B 114 17.30 3.65 -35.46
C SER B 114 16.20 3.70 -36.51
N SER B 115 16.34 4.62 -37.46
CA SER B 115 15.38 4.76 -38.54
C SER B 115 15.61 3.71 -39.63
N GLU C 1 -18.54 16.72 -1.16
CA GLU C 1 -19.20 15.59 -1.80
C GLU C 1 -18.51 15.20 -3.10
N VAL C 2 -18.95 14.09 -3.70
CA VAL C 2 -18.34 13.60 -4.92
C VAL C 2 -18.70 14.53 -6.07
N GLN C 3 -17.67 15.00 -6.79
CA GLN C 3 -17.86 15.84 -7.96
C GLN C 3 -16.91 15.41 -9.07
N LEU C 4 -17.44 15.33 -10.29
CA LEU C 4 -16.67 14.94 -11.46
C LEU C 4 -16.93 15.96 -12.56
N VAL C 5 -15.86 16.57 -13.08
CA VAL C 5 -15.97 17.61 -14.10
C VAL C 5 -15.18 17.17 -15.31
N GLU C 6 -15.87 16.98 -16.43
CA GLU C 6 -15.25 16.63 -17.70
C GLU C 6 -15.03 17.87 -18.55
N SER C 7 -14.09 17.77 -19.49
CA SER C 7 -13.80 18.84 -20.42
C SER C 7 -12.95 18.27 -21.56
N GLY C 8 -12.55 19.14 -22.48
CA GLY C 8 -11.66 18.76 -23.55
C GLY C 8 -12.32 18.18 -24.79
N GLY C 9 -13.64 18.28 -24.90
CA GLY C 9 -14.34 17.78 -26.07
C GLY C 9 -14.75 18.88 -27.03
N GLY C 10 -15.25 18.47 -28.18
CA GLY C 10 -15.67 19.43 -29.19
C GLY C 10 -15.87 18.75 -30.53
N LEU C 11 -15.89 19.57 -31.58
CA LEU C 11 -16.07 19.08 -32.93
C LEU C 11 -14.74 18.61 -33.51
N VAL C 12 -14.74 17.45 -34.15
CA VAL C 12 -13.52 16.84 -34.67
C VAL C 12 -13.84 16.18 -36.00
N GLN C 13 -12.85 16.17 -36.89
CA GLN C 13 -12.97 15.55 -38.19
C GLN C 13 -12.68 14.06 -38.09
N PRO C 14 -13.17 13.27 -39.05
CA PRO C 14 -12.88 11.82 -39.03
C PRO C 14 -11.39 11.57 -39.11
N GLY C 15 -10.90 10.71 -38.22
CA GLY C 15 -9.49 10.46 -38.10
C GLY C 15 -8.75 11.42 -37.20
N GLY C 16 -9.43 12.43 -36.67
CA GLY C 16 -8.80 13.39 -35.78
C GLY C 16 -8.52 12.79 -34.42
N SER C 17 -8.04 13.66 -33.52
CA SER C 17 -7.65 13.25 -32.19
C SER C 17 -8.19 14.25 -31.16
N LEU C 18 -8.43 13.75 -29.96
CA LEU C 18 -8.93 14.55 -28.86
C LEU C 18 -8.46 13.93 -27.55
N ARG C 19 -8.38 14.77 -26.51
CA ARG C 19 -7.97 14.32 -25.18
C ARG C 19 -8.92 14.92 -24.15
N LEU C 20 -9.69 14.06 -23.48
CA LEU C 20 -10.62 14.51 -22.46
C LEU C 20 -9.95 14.50 -21.09
N SER C 21 -10.39 15.41 -20.23
CA SER C 21 -9.90 15.52 -18.87
C SER C 21 -11.08 15.45 -17.90
N CYS C 22 -10.85 14.81 -16.76
CA CYS C 22 -11.89 14.62 -15.74
C CYS C 22 -11.27 14.88 -14.38
N VAL C 23 -11.68 15.98 -13.74
CA VAL C 23 -11.19 16.34 -12.41
C VAL C 23 -12.17 15.81 -11.37
N ALA C 24 -11.66 15.07 -10.40
CA ALA C 24 -12.48 14.45 -9.36
C ALA C 24 -12.22 15.10 -8.01
N SER C 25 -13.21 14.98 -7.13
CA SER C 25 -13.12 15.52 -5.78
C SER C 25 -14.21 14.90 -4.93
N GLY C 26 -13.97 14.83 -3.62
CA GLY C 26 -14.93 14.32 -2.69
C GLY C 26 -14.81 12.84 -2.36
N PHE C 27 -13.75 12.18 -2.82
CA PHE C 27 -13.55 10.77 -2.52
C PHE C 27 -12.08 10.44 -2.75
N THR C 28 -11.66 9.28 -2.25
CA THR C 28 -10.27 8.84 -2.36
C THR C 28 -10.01 8.41 -3.80
N PHE C 29 -9.35 9.27 -4.56
CA PHE C 29 -9.05 9.00 -5.97
C PHE C 29 -7.80 8.16 -6.15
N SER C 30 -6.92 8.09 -5.15
CA SER C 30 -5.61 7.48 -5.33
C SER C 30 -5.71 5.98 -5.63
N ASN C 31 -6.77 5.32 -5.17
CA ASN C 31 -6.96 3.89 -5.40
C ASN C 31 -8.45 3.67 -5.64
N TYR C 32 -8.83 3.57 -6.91
CA TYR C 32 -10.24 3.51 -7.30
C TYR C 32 -10.32 3.06 -8.75
N TRP C 33 -11.45 2.43 -9.10
CA TRP C 33 -11.75 2.08 -10.49
C TRP C 33 -12.56 3.21 -11.11
N MET C 34 -11.94 3.98 -11.98
CA MET C 34 -12.61 5.08 -12.66
C MET C 34 -12.97 4.66 -14.09
N TYR C 35 -14.11 5.17 -14.55
CA TYR C 35 -14.70 4.74 -15.81
C TYR C 35 -14.90 5.91 -16.76
N TRP C 36 -14.90 5.61 -18.06
CA TRP C 36 -15.34 6.52 -19.10
C TRP C 36 -16.55 5.90 -19.77
N VAL C 37 -17.68 6.61 -19.73
CA VAL C 37 -18.91 6.16 -20.38
C VAL C 37 -19.34 7.24 -21.37
N ARG C 38 -20.15 6.82 -22.35
CA ARG C 38 -20.63 7.74 -23.36
C ARG C 38 -22.09 7.44 -23.67
N GLN C 39 -22.77 8.45 -24.21
CA GLN C 39 -24.18 8.35 -24.58
C GLN C 39 -24.31 8.77 -26.04
N ALA C 40 -24.42 7.79 -26.93
CA ALA C 40 -24.55 8.07 -28.35
C ALA C 40 -25.91 8.69 -28.64
N PRO C 41 -26.03 9.40 -29.77
CA PRO C 41 -27.33 9.99 -30.13
C PRO C 41 -28.42 8.92 -30.22
N GLY C 42 -29.46 9.09 -29.40
CA GLY C 42 -30.55 8.16 -29.37
C GLY C 42 -30.28 6.87 -28.63
N LYS C 43 -29.17 6.79 -27.90
CA LYS C 43 -28.81 5.58 -27.17
C LYS C 43 -28.69 5.91 -25.68
N GLY C 44 -28.49 4.87 -24.88
CA GLY C 44 -28.27 5.03 -23.45
C GLY C 44 -26.79 5.05 -23.11
N LEU C 45 -26.53 5.11 -21.81
CA LEU C 45 -25.15 5.14 -21.32
C LEU C 45 -24.48 3.79 -21.57
N GLU C 46 -23.29 3.83 -22.16
CA GLU C 46 -22.52 2.63 -22.43
C GLU C 46 -21.06 2.90 -22.08
N TRP C 47 -20.39 1.90 -21.53
CA TRP C 47 -19.02 2.09 -21.04
C TRP C 47 -18.04 2.10 -22.19
N VAL C 48 -16.98 2.90 -22.03
CA VAL C 48 -15.92 3.03 -23.02
C VAL C 48 -14.62 2.42 -22.52
N SER C 49 -14.18 2.83 -21.32
CA SER C 49 -12.93 2.35 -20.77
C SER C 49 -12.98 2.45 -19.25
N THR C 50 -12.08 1.71 -18.61
CA THR C 50 -11.95 1.76 -17.15
C THR C 50 -10.48 1.61 -16.80
N ILE C 51 -10.11 2.12 -15.62
CA ILE C 51 -8.73 2.06 -15.16
C ILE C 51 -8.74 1.99 -13.63
N ASN C 52 -7.81 1.23 -13.08
CA ASN C 52 -7.58 1.19 -11.64
C ASN C 52 -6.48 2.18 -11.31
N THR C 53 -6.84 3.27 -10.62
CA THR C 53 -5.88 4.32 -10.32
C THR C 53 -4.74 3.85 -9.43
N GLY C 54 -4.84 2.66 -8.85
CA GLY C 54 -3.77 2.12 -8.04
C GLY C 54 -2.71 1.40 -8.86
N SER C 55 -3.10 0.29 -9.49
CA SER C 55 -2.16 -0.51 -10.27
C SER C 55 -1.98 0.01 -11.69
N GLY C 56 -2.94 0.76 -12.22
CA GLY C 56 -2.86 1.25 -13.59
C GLY C 56 -3.43 0.31 -14.63
N ALA C 57 -4.12 -0.76 -14.23
CA ALA C 57 -4.70 -1.68 -15.19
C ALA C 57 -5.85 -1.00 -15.95
N ALA C 58 -5.81 -1.09 -17.27
CA ALA C 58 -6.79 -0.44 -18.13
C ALA C 58 -7.51 -1.47 -18.99
N TYR C 59 -8.79 -1.20 -19.25
CA TYR C 59 -9.62 -2.06 -20.09
C TYR C 59 -10.51 -1.19 -20.95
N TYR C 60 -10.85 -1.70 -22.14
CA TYR C 60 -11.59 -0.93 -23.13
C TYR C 60 -12.70 -1.77 -23.72
N THR C 61 -13.78 -1.11 -24.10
CA THR C 61 -14.83 -1.78 -24.86
C THR C 61 -14.32 -2.10 -26.26
N SER C 62 -14.89 -3.13 -26.86
CA SER C 62 -14.31 -3.71 -28.07
C SER C 62 -14.26 -2.72 -29.22
N SER C 63 -15.21 -1.79 -29.28
CA SER C 63 -15.29 -0.83 -30.38
C SER C 63 -14.23 0.26 -30.30
N VAL C 64 -13.54 0.40 -29.17
CA VAL C 64 -12.53 1.44 -29.00
C VAL C 64 -11.14 0.88 -28.72
N LYS C 65 -11.02 -0.44 -28.58
CA LYS C 65 -9.73 -1.04 -28.22
C LYS C 65 -8.70 -0.77 -29.32
N GLY C 66 -7.59 -0.13 -28.94
CA GLY C 66 -6.53 0.21 -29.85
C GLY C 66 -6.52 1.66 -30.28
N ARG C 67 -7.67 2.32 -30.26
CA ARG C 67 -7.77 3.72 -30.68
C ARG C 67 -7.86 4.69 -29.51
N PHE C 68 -8.39 4.26 -28.37
CA PHE C 68 -8.50 5.10 -27.19
C PHE C 68 -7.48 4.67 -26.14
N THR C 69 -7.08 5.62 -25.30
CA THR C 69 -6.11 5.36 -24.24
C THR C 69 -6.53 6.11 -22.99
N ILE C 70 -6.85 5.38 -21.93
CA ILE C 70 -7.24 5.96 -20.66
C ILE C 70 -6.01 6.09 -19.77
N SER C 71 -5.99 7.14 -18.95
CA SER C 71 -4.90 7.36 -18.03
C SER C 71 -5.41 8.24 -16.89
N ARG C 72 -4.61 8.34 -15.83
CA ARG C 72 -5.00 9.08 -14.65
C ARG C 72 -3.79 9.79 -14.07
N ASP C 73 -4.06 10.71 -13.14
CA ASP C 73 -3.03 11.46 -12.43
C ASP C 73 -3.51 11.65 -11.00
N ASN C 74 -3.05 10.77 -10.10
CA ASN C 74 -3.54 10.79 -8.72
C ASN C 74 -3.12 12.05 -7.99
N ALA C 75 -2.02 12.68 -8.40
CA ALA C 75 -1.59 13.93 -7.77
C ALA C 75 -2.56 15.06 -8.08
N LYS C 76 -3.12 15.06 -9.29
CA LYS C 76 -4.08 16.06 -9.71
C LYS C 76 -5.52 15.58 -9.61
N ASN C 77 -5.73 14.32 -9.24
CA ASN C 77 -7.06 13.70 -9.24
C ASN C 77 -7.74 13.87 -10.59
N THR C 78 -6.95 13.73 -11.65
CA THR C 78 -7.43 13.95 -13.02
C THR C 78 -7.43 12.65 -13.78
N LEU C 79 -8.51 12.39 -14.50
CA LEU C 79 -8.64 11.25 -15.39
C LEU C 79 -8.56 11.73 -16.84
N TYR C 80 -7.91 10.94 -17.68
CA TYR C 80 -7.70 11.32 -19.07
C TYR C 80 -8.23 10.24 -20.01
N LEU C 81 -8.57 10.65 -21.23
CA LEU C 81 -8.97 9.73 -22.28
C LEU C 81 -8.44 10.27 -23.60
N GLN C 82 -7.39 9.65 -24.12
CA GLN C 82 -6.83 10.01 -25.41
C GLN C 82 -7.58 9.28 -26.50
N MET C 83 -8.27 10.02 -27.36
CA MET C 83 -9.08 9.46 -28.44
C MET C 83 -8.39 9.74 -29.76
N ASN C 84 -8.13 8.67 -30.53
CA ASN C 84 -7.43 8.77 -31.81
C ASN C 84 -8.22 8.03 -32.88
N SER C 85 -8.07 8.49 -34.12
N SER C 85 -8.07 8.49 -34.12
CA SER C 85 -8.74 7.90 -35.28
CA SER C 85 -8.74 7.90 -35.28
C SER C 85 -10.25 7.83 -35.07
C SER C 85 -10.25 7.83 -35.06
N LEU C 86 -10.83 8.98 -34.74
CA LEU C 86 -12.26 9.03 -34.45
C LEU C 86 -13.09 8.84 -35.70
N LYS C 87 -14.22 8.15 -35.56
CA LYS C 87 -15.18 7.96 -36.63
C LYS C 87 -16.56 8.39 -36.13
N SER C 88 -17.55 8.30 -37.03
CA SER C 88 -18.88 8.81 -36.72
C SER C 88 -19.55 8.02 -35.59
N GLU C 89 -19.14 6.77 -35.39
CA GLU C 89 -19.72 5.97 -34.31
C GLU C 89 -19.24 6.39 -32.94
N ASP C 90 -18.25 7.28 -32.86
CA ASP C 90 -17.74 7.76 -31.59
C ASP C 90 -18.41 9.04 -31.11
N THR C 91 -19.31 9.62 -31.91
CA THR C 91 -20.02 10.82 -31.50
C THR C 91 -20.95 10.49 -30.34
N ALA C 92 -20.78 11.19 -29.23
CA ALA C 92 -21.55 10.94 -28.01
C ALA C 92 -21.17 12.00 -26.98
N VAL C 93 -22.00 12.08 -25.94
CA VAL C 93 -21.64 12.83 -24.74
C VAL C 93 -20.81 11.92 -23.86
N TYR C 94 -19.63 12.37 -23.46
CA TYR C 94 -18.68 11.55 -22.72
C TYR C 94 -18.66 11.97 -21.25
N TYR C 95 -18.88 11.01 -20.37
CA TYR C 95 -18.85 11.22 -18.93
C TYR C 95 -17.76 10.35 -18.31
N CYS C 96 -17.19 10.85 -17.22
CA CYS C 96 -16.37 10.03 -16.33
C CYS C 96 -17.20 9.67 -15.11
N ALA C 97 -17.08 8.42 -14.67
CA ALA C 97 -17.93 7.90 -13.62
C ALA C 97 -17.13 7.01 -12.69
N THR C 98 -17.71 6.76 -11.51
CA THR C 98 -17.15 5.86 -10.53
C THR C 98 -17.80 4.48 -10.58
N ASP C 99 -18.62 4.22 -11.59
CA ASP C 99 -19.23 2.91 -11.77
C ASP C 99 -19.36 2.63 -13.27
N LEU C 100 -19.63 1.36 -13.59
CA LEU C 100 -19.67 0.94 -14.99
C LEU C 100 -20.85 1.54 -15.74
N ARG C 101 -21.96 1.80 -15.05
CA ARG C 101 -23.18 2.28 -15.69
C ARG C 101 -23.34 3.80 -15.62
N GLY C 102 -22.33 4.51 -15.13
CA GLY C 102 -22.41 5.96 -15.08
C GLY C 102 -23.48 6.49 -14.15
N ALA C 103 -23.84 5.72 -13.11
CA ALA C 103 -24.85 6.20 -12.18
C ALA C 103 -24.38 7.44 -11.42
N GLN C 104 -23.08 7.54 -11.17
CA GLN C 104 -22.48 8.72 -10.55
C GLN C 104 -21.43 9.26 -11.53
N ARG C 105 -21.81 10.29 -12.30
CA ARG C 105 -20.97 10.82 -13.36
C ARG C 105 -20.99 12.34 -13.29
N GLY C 106 -20.33 12.98 -14.25
CA GLY C 106 -20.27 14.42 -14.33
C GLY C 106 -21.29 14.98 -15.32
N GLN C 107 -21.12 16.26 -15.64
CA GLN C 107 -22.02 16.92 -16.59
C GLN C 107 -21.78 16.45 -18.02
N GLY C 108 -20.62 15.87 -18.31
CA GLY C 108 -20.31 15.38 -19.62
C GLY C 108 -19.71 16.43 -20.53
N THR C 109 -19.18 15.95 -21.65
N THR C 109 -19.18 15.95 -21.65
CA THR C 109 -18.59 16.82 -22.67
CA THR C 109 -18.60 16.83 -22.66
C THR C 109 -18.86 16.22 -24.04
C THR C 109 -18.85 16.23 -24.03
N GLN C 110 -19.31 17.06 -24.96
CA GLN C 110 -19.71 16.59 -26.29
C GLN C 110 -18.50 16.35 -27.17
N VAL C 111 -18.54 15.24 -27.90
CA VAL C 111 -17.56 14.92 -28.94
C VAL C 111 -18.35 14.56 -30.19
N THR C 112 -18.19 15.36 -31.25
CA THR C 112 -18.91 15.17 -32.50
C THR C 112 -17.93 14.99 -33.64
N VAL C 113 -18.09 13.90 -34.40
CA VAL C 113 -17.24 13.58 -35.53
C VAL C 113 -18.03 13.84 -36.81
N SER C 114 -17.58 14.83 -37.59
CA SER C 114 -18.25 15.21 -38.82
C SER C 114 -17.22 15.45 -39.92
N SER C 115 -17.52 14.97 -41.12
CA SER C 115 -16.63 15.13 -42.26
C SER C 115 -16.60 16.57 -42.74
N GLU D 1 -15.07 27.17 14.22
CA GLU D 1 -15.65 26.19 13.32
C GLU D 1 -15.43 24.77 13.84
N VAL D 2 -14.30 24.57 14.51
CA VAL D 2 -13.97 23.29 15.12
C VAL D 2 -14.54 23.26 16.53
N GLN D 3 -14.94 22.06 16.96
CA GLN D 3 -15.51 21.87 18.29
C GLN D 3 -14.77 20.75 19.00
N LEU D 4 -14.36 20.99 20.23
CA LEU D 4 -13.65 20.01 21.05
C LEU D 4 -14.29 19.98 22.43
N VAL D 5 -14.88 18.85 22.80
CA VAL D 5 -15.63 18.72 24.04
C VAL D 5 -15.04 17.56 24.83
N GLU D 6 -14.35 17.89 25.93
CA GLU D 6 -13.79 16.90 26.83
C GLU D 6 -14.79 16.53 27.92
N SER D 7 -14.61 15.32 28.47
CA SER D 7 -15.47 14.84 29.54
C SER D 7 -14.79 13.66 30.21
N GLY D 8 -15.27 13.33 31.41
CA GLY D 8 -14.82 12.17 32.15
C GLY D 8 -14.02 12.47 33.40
N GLY D 9 -13.68 13.73 33.66
CA GLY D 9 -12.88 14.06 34.82
C GLY D 9 -13.62 13.92 36.13
N GLY D 10 -12.87 14.11 37.21
CA GLY D 10 -13.45 14.01 38.54
C GLY D 10 -12.35 13.90 39.59
N LEU D 11 -12.79 13.66 40.82
CA LEU D 11 -11.90 13.50 41.95
C LEU D 11 -11.58 12.02 42.14
N VAL D 12 -10.29 11.70 42.28
CA VAL D 12 -9.82 10.33 42.30
C VAL D 12 -8.68 10.21 43.30
N GLN D 13 -8.65 9.10 44.04
CA GLN D 13 -7.59 8.86 45.00
C GLN D 13 -6.26 8.57 44.28
N PRO D 14 -5.13 8.74 44.97
CA PRO D 14 -3.85 8.35 44.38
C PRO D 14 -3.83 6.86 44.06
N GLY D 15 -3.18 6.52 42.95
CA GLY D 15 -3.15 5.16 42.46
C GLY D 15 -4.39 4.73 41.70
N GLY D 16 -5.47 5.51 41.74
CA GLY D 16 -6.67 5.18 41.02
C GLY D 16 -6.53 5.39 39.52
N SER D 17 -7.60 5.06 38.81
CA SER D 17 -7.63 5.15 37.36
C SER D 17 -8.73 6.10 36.91
N LEU D 18 -8.61 6.55 35.66
CA LEU D 18 -9.57 7.50 35.10
C LEU D 18 -9.42 7.51 33.58
N ARG D 19 -10.54 7.57 32.88
CA ARG D 19 -10.56 7.62 31.42
C ARG D 19 -11.22 8.91 30.96
N LEU D 20 -10.52 9.66 30.12
CA LEU D 20 -11.05 10.89 29.56
C LEU D 20 -11.49 10.66 28.11
N SER D 21 -12.45 11.48 27.68
CA SER D 21 -12.99 11.40 26.33
C SER D 21 -13.03 12.80 25.73
N CYS D 22 -13.05 12.86 24.40
CA CYS D 22 -13.09 14.14 23.70
C CYS D 22 -13.69 13.93 22.32
N VAL D 23 -14.86 14.51 22.08
CA VAL D 23 -15.55 14.42 20.80
C VAL D 23 -15.21 15.64 19.98
N ALA D 24 -14.81 15.42 18.73
CA ALA D 24 -14.38 16.48 17.84
C ALA D 24 -15.31 16.58 16.64
N SER D 25 -15.33 17.76 16.02
CA SER D 25 -16.13 18.01 14.84
C SER D 25 -15.62 19.28 14.17
N GLY D 26 -15.61 19.27 12.84
CA GLY D 26 -15.18 20.40 12.06
C GLY D 26 -13.89 20.21 11.27
N PHE D 27 -13.39 18.99 11.17
CA PHE D 27 -12.16 18.72 10.44
C PHE D 27 -12.08 17.22 10.16
N THR D 28 -11.18 16.87 9.24
CA THR D 28 -10.95 15.47 8.92
C THR D 28 -10.28 14.77 10.10
N PHE D 29 -11.10 14.19 10.99
CA PHE D 29 -10.56 13.53 12.18
C PHE D 29 -9.85 12.24 11.84
N SER D 30 -10.25 11.56 10.75
CA SER D 30 -9.73 10.25 10.41
C SER D 30 -8.27 10.27 9.96
N ASN D 31 -7.61 11.43 9.94
CA ASN D 31 -6.21 11.53 9.56
C ASN D 31 -5.62 12.82 10.11
N TYR D 32 -5.34 12.84 11.41
CA TYR D 32 -4.92 14.07 12.07
C TYR D 32 -4.15 13.73 13.34
N TRP D 33 -3.21 14.59 13.70
CA TRP D 33 -2.47 14.45 14.95
C TRP D 33 -3.26 15.15 16.05
N MET D 34 -3.90 14.36 16.92
CA MET D 34 -4.63 14.88 18.06
C MET D 34 -3.78 14.78 19.32
N TYR D 35 -3.98 15.73 20.22
CA TYR D 35 -3.14 15.87 21.40
C TYR D 35 -3.98 15.87 22.67
N TRP D 36 -3.33 15.52 23.78
CA TRP D 36 -3.84 15.76 25.11
C TRP D 36 -2.87 16.69 25.81
N VAL D 37 -3.35 17.86 26.23
CA VAL D 37 -2.54 18.81 26.98
C VAL D 37 -3.25 19.10 28.29
N ARG D 38 -2.47 19.58 29.26
CA ARG D 38 -3.02 19.87 30.59
C ARG D 38 -2.40 21.14 31.13
N GLN D 39 -3.06 21.71 32.14
CA GLN D 39 -2.63 22.96 32.77
C GLN D 39 -2.59 22.72 34.28
N ALA D 40 -1.39 22.49 34.81
CA ALA D 40 -1.22 22.23 36.23
C ALA D 40 -1.56 23.47 37.05
N PRO D 41 -1.91 23.29 38.34
CA PRO D 41 -2.21 24.45 39.20
C PRO D 41 -1.09 25.48 39.21
N GLY D 42 -1.40 26.68 38.74
CA GLY D 42 -0.42 27.75 38.68
C GLY D 42 0.56 27.66 37.53
N LYS D 43 0.51 26.59 36.74
CA LYS D 43 1.44 26.39 35.64
C LYS D 43 0.72 26.57 34.31
N GLY D 44 1.52 26.63 33.23
CA GLY D 44 0.98 26.79 31.91
C GLY D 44 0.62 25.47 31.25
N LEU D 45 0.21 25.56 30.00
CA LEU D 45 -0.16 24.36 29.24
C LEU D 45 1.07 23.53 28.93
N GLU D 46 0.94 22.21 29.11
CA GLU D 46 2.00 21.27 28.80
C GLU D 46 1.39 20.05 28.14
N TRP D 47 2.11 19.46 27.19
CA TRP D 47 1.58 18.32 26.44
C TRP D 47 1.69 17.04 27.26
N VAL D 48 0.69 16.18 27.09
CA VAL D 48 0.64 14.89 27.79
C VAL D 48 0.90 13.74 26.81
N SER D 49 0.07 13.61 25.79
CA SER D 49 0.21 12.53 24.82
C SER D 49 -0.21 13.03 23.45
N THR D 50 0.16 12.26 22.43
CA THR D 50 -0.25 12.55 21.07
C THR D 50 -0.46 11.24 20.33
N ILE D 51 -1.31 11.27 19.31
CA ILE D 51 -1.62 10.09 18.51
C ILE D 51 -2.01 10.55 17.11
N ASN D 52 -1.63 9.75 16.12
CA ASN D 52 -2.07 9.97 14.75
C ASN D 52 -3.29 9.10 14.50
N THR D 53 -4.40 9.74 14.14
CA THR D 53 -5.65 9.00 13.93
C THR D 53 -5.65 8.17 12.65
N GLY D 54 -4.51 8.03 11.98
CA GLY D 54 -4.41 7.16 10.82
C GLY D 54 -3.53 5.96 11.11
N SER D 55 -2.29 6.21 11.52
CA SER D 55 -1.36 5.12 11.81
C SER D 55 -1.59 4.54 13.20
N GLY D 56 -1.98 5.35 14.16
CA GLY D 56 -2.14 4.91 15.53
C GLY D 56 -0.92 5.07 16.40
N ALA D 57 0.16 5.65 15.86
CA ALA D 57 1.38 5.84 16.65
C ALA D 57 1.12 6.80 17.80
N ALA D 58 1.45 6.37 19.02
CA ALA D 58 1.18 7.13 20.22
C ALA D 58 2.50 7.46 20.92
N TYR D 59 2.59 8.68 21.44
CA TYR D 59 3.75 9.13 22.19
C TYR D 59 3.28 9.89 23.43
N TYR D 60 4.07 9.83 24.49
CA TYR D 60 3.70 10.38 25.79
C TYR D 60 4.85 11.19 26.35
N THR D 61 4.49 12.22 27.13
CA THR D 61 5.52 12.96 27.84
C THR D 61 6.13 12.09 28.93
N SER D 62 7.35 12.46 29.35
CA SER D 62 8.16 11.55 30.16
C SER D 62 7.51 11.24 31.50
N SER D 63 6.80 12.20 32.09
CA SER D 63 6.24 11.99 33.43
C SER D 63 5.08 11.00 33.40
N VAL D 64 4.35 10.91 32.30
CA VAL D 64 3.17 10.06 32.22
C VAL D 64 3.41 8.77 31.46
N LYS D 65 4.59 8.60 30.84
CA LYS D 65 4.84 7.43 30.03
C LYS D 65 4.76 6.16 30.86
N GLY D 66 4.02 5.18 30.35
CA GLY D 66 3.80 3.94 31.04
C GLY D 66 2.55 3.91 31.92
N ARG D 67 2.06 5.09 32.33
CA ARG D 67 0.86 5.17 33.14
C ARG D 67 -0.38 5.58 32.35
N PHE D 68 -0.21 6.39 31.31
CA PHE D 68 -1.33 6.84 30.50
C PHE D 68 -1.35 6.11 29.17
N THR D 69 -2.52 6.07 28.55
CA THR D 69 -2.71 5.43 27.25
C THR D 69 -3.70 6.25 26.44
N ILE D 70 -3.26 6.72 25.27
CA ILE D 70 -4.10 7.53 24.39
C ILE D 70 -4.59 6.64 23.25
N SER D 71 -5.86 6.80 22.89
CA SER D 71 -6.48 6.03 21.82
C SER D 71 -7.52 6.90 21.14
N ARG D 72 -8.08 6.40 20.05
CA ARG D 72 -9.05 7.17 19.30
C ARG D 72 -10.05 6.24 18.62
N ASP D 73 -11.16 6.82 18.17
CA ASP D 73 -12.18 6.09 17.41
C ASP D 73 -12.64 7.02 16.28
N ASN D 74 -12.09 6.81 15.09
CA ASN D 74 -12.41 7.67 13.96
C ASN D 74 -13.89 7.59 13.58
N ALA D 75 -14.52 6.44 13.81
CA ALA D 75 -15.94 6.30 13.50
C ALA D 75 -16.78 7.23 14.38
N LYS D 76 -16.45 7.33 15.66
CA LYS D 76 -17.14 8.22 16.57
C LYS D 76 -16.47 9.59 16.68
N ASN D 77 -15.36 9.81 15.99
CA ASN D 77 -14.62 11.07 16.06
C ASN D 77 -14.26 11.41 17.49
N THR D 78 -13.91 10.39 18.27
CA THR D 78 -13.65 10.55 19.69
C THR D 78 -12.21 10.20 20.01
N LEU D 79 -11.59 11.03 20.85
CA LEU D 79 -10.27 10.78 21.40
C LEU D 79 -10.41 10.33 22.84
N TYR D 80 -9.44 9.54 23.31
CA TYR D 80 -9.49 8.98 24.65
C TYR D 80 -8.16 9.15 25.35
N LEU D 81 -8.17 8.96 26.67
CA LEU D 81 -6.96 9.04 27.48
C LEU D 81 -7.21 8.22 28.74
N GLN D 82 -6.73 6.98 28.75
CA GLN D 82 -6.80 6.13 29.93
C GLN D 82 -5.65 6.48 30.86
N MET D 83 -5.98 6.86 32.09
CA MET D 83 -5.00 7.33 33.06
C MET D 83 -4.95 6.36 34.23
N ASN D 84 -3.77 5.82 34.52
CA ASN D 84 -3.56 4.84 35.57
C ASN D 84 -2.49 5.33 36.53
N SER D 85 -2.48 4.72 37.73
CA SER D 85 -1.49 5.02 38.77
C SER D 85 -1.40 6.52 39.02
N LEU D 86 -2.56 7.14 39.20
CA LEU D 86 -2.64 8.59 39.30
C LEU D 86 -1.93 9.09 40.55
N LYS D 87 -1.04 10.06 40.38
CA LYS D 87 -0.27 10.66 41.44
C LYS D 87 -0.80 12.07 41.73
N SER D 88 -0.24 12.70 42.76
CA SER D 88 -0.65 14.07 43.08
C SER D 88 -0.22 15.05 42.00
N GLU D 89 0.92 14.81 41.37
CA GLU D 89 1.41 15.67 40.30
C GLU D 89 0.59 15.56 39.02
N ASP D 90 -0.44 14.72 38.98
CA ASP D 90 -1.29 14.57 37.82
C ASP D 90 -2.53 15.46 37.89
N THR D 91 -2.67 16.27 38.93
CA THR D 91 -3.81 17.18 39.03
C THR D 91 -3.64 18.35 38.07
N ALA D 92 -4.63 18.57 37.21
CA ALA D 92 -4.60 19.64 36.22
C ALA D 92 -5.95 19.67 35.49
N VAL D 93 -6.14 20.72 34.70
CA VAL D 93 -7.24 20.78 33.75
C VAL D 93 -6.74 20.20 32.43
N TYR D 94 -7.38 19.14 31.98
CA TYR D 94 -6.94 18.42 30.79
C TYR D 94 -7.75 18.85 29.58
N TYR D 95 -7.05 19.15 28.48
CA TYR D 95 -7.65 19.54 27.22
C TYR D 95 -7.23 18.58 26.12
N CYS D 96 -8.10 18.42 25.12
CA CYS D 96 -7.71 17.85 23.85
C CYS D 96 -7.56 18.97 22.84
N ALA D 97 -6.51 18.92 22.05
CA ALA D 97 -6.15 20.02 21.16
C ALA D 97 -5.74 19.46 19.80
N THR D 98 -5.58 20.37 18.84
CA THR D 98 -5.08 20.03 17.52
C THR D 98 -3.62 20.46 17.32
N ASP D 99 -2.97 20.95 18.36
CA ASP D 99 -1.56 21.34 18.29
C ASP D 99 -0.90 21.04 19.62
N LEU D 100 0.43 21.03 19.61
CA LEU D 100 1.18 20.71 20.82
C LEU D 100 1.03 21.79 21.89
N ARG D 101 0.92 23.05 21.47
CA ARG D 101 0.82 24.16 22.39
C ARG D 101 -0.55 24.28 23.04
N GLY D 102 -1.56 23.60 22.52
CA GLY D 102 -2.89 23.70 23.07
C GLY D 102 -3.61 24.98 22.74
N ALA D 103 -3.25 25.64 21.64
CA ALA D 103 -3.89 26.89 21.27
C ALA D 103 -5.32 26.67 20.82
N GLN D 104 -5.58 25.56 20.12
CA GLN D 104 -6.91 25.20 19.63
C GLN D 104 -7.38 24.00 20.44
N ARG D 105 -8.08 24.28 21.54
CA ARG D 105 -8.48 23.27 22.50
C ARG D 105 -9.94 23.48 22.88
N GLY D 106 -10.46 22.62 23.76
CA GLY D 106 -11.78 22.76 24.29
C GLY D 106 -11.79 23.50 25.61
N GLN D 107 -12.92 23.40 26.31
CA GLN D 107 -13.04 24.03 27.62
C GLN D 107 -12.33 23.24 28.71
N GLY D 108 -12.15 21.93 28.53
CA GLY D 108 -11.38 21.12 29.44
C GLY D 108 -12.23 20.35 30.43
N THR D 109 -11.57 19.46 31.17
CA THR D 109 -12.20 18.67 32.21
C THR D 109 -11.23 18.54 33.37
N GLN D 110 -11.74 18.70 34.59
CA GLN D 110 -10.90 18.75 35.77
C GLN D 110 -10.56 17.35 36.25
N VAL D 111 -9.28 17.12 36.53
CA VAL D 111 -8.79 15.88 37.13
C VAL D 111 -8.01 16.26 38.37
N THR D 112 -8.53 15.88 39.54
CA THR D 112 -7.92 16.20 40.82
C THR D 112 -7.66 14.91 41.60
N VAL D 113 -6.44 14.76 42.09
CA VAL D 113 -6.03 13.58 42.84
C VAL D 113 -5.90 13.97 44.31
N SER D 114 -6.72 13.34 45.16
CA SER D 114 -6.72 13.63 46.58
C SER D 114 -7.02 12.34 47.34
N SER D 115 -6.28 12.12 48.42
CA SER D 115 -6.45 10.91 49.23
C SER D 115 -7.72 11.00 50.08
N HIS D 116 -8.24 9.84 50.45
CA HIS D 116 -9.46 9.77 51.23
C HIS D 116 -9.16 9.78 52.73
N ALA E 5 -21.66 -6.31 -3.65
CA ALA E 5 -20.78 -7.36 -3.14
C ALA E 5 -20.11 -6.93 -1.84
N ASP E 6 -20.01 -7.85 -0.89
CA ASP E 6 -19.41 -7.56 0.40
C ASP E 6 -17.90 -7.44 0.24
N PRO E 7 -17.29 -6.30 0.61
CA PRO E 7 -15.83 -6.18 0.48
C PRO E 7 -15.05 -7.14 1.38
N ARG E 8 -15.65 -7.61 2.47
CA ARG E 8 -14.96 -8.59 3.31
C ARG E 8 -14.92 -9.96 2.65
N LEU E 9 -15.90 -10.28 1.81
CA LEU E 9 -15.86 -11.54 1.06
C LEU E 9 -14.89 -11.43 -0.11
N ILE E 10 -14.86 -10.27 -0.79
CA ILE E 10 -13.96 -10.10 -1.92
C ILE E 10 -12.52 -10.21 -1.48
N GLU E 11 -12.20 -9.70 -0.28
CA GLU E 11 -10.82 -9.76 0.20
C GLU E 11 -10.42 -11.18 0.56
N SER E 12 -11.28 -11.91 1.26
CA SER E 12 -10.96 -13.29 1.62
C SER E 12 -10.90 -14.17 0.38
N LEU E 13 -11.84 -13.99 -0.54
CA LEU E 13 -11.84 -14.80 -1.76
C LEU E 13 -10.60 -14.55 -2.60
N SER E 14 -10.20 -13.28 -2.72
CA SER E 14 -9.01 -12.96 -3.51
C SER E 14 -7.75 -13.51 -2.86
N GLN E 15 -7.67 -13.49 -1.52
CA GLN E 15 -6.52 -14.07 -0.83
C GLN E 15 -6.42 -15.56 -1.10
N MET E 16 -7.56 -16.26 -1.10
CA MET E 16 -7.54 -17.70 -1.33
C MET E 16 -7.37 -18.04 -2.80
N LEU E 17 -7.82 -17.17 -3.70
CA LEU E 17 -7.58 -17.39 -5.12
C LEU E 17 -6.09 -17.33 -5.44
N SER E 18 -5.36 -16.41 -4.80
CA SER E 18 -3.92 -16.33 -5.02
C SER E 18 -3.20 -17.56 -4.48
N MET E 19 -3.83 -18.30 -3.56
CA MET E 19 -3.25 -19.53 -3.03
C MET E 19 -3.29 -20.68 -4.01
N GLY E 20 -4.05 -20.56 -5.10
CA GLY E 20 -4.17 -21.61 -6.09
C GLY E 20 -5.53 -22.25 -6.18
N PHE E 21 -6.45 -21.90 -5.28
CA PHE E 21 -7.79 -22.46 -5.33
C PHE E 21 -8.61 -21.79 -6.44
N SER E 22 -9.67 -22.47 -6.85
CA SER E 22 -10.64 -21.93 -7.79
C SER E 22 -11.95 -21.67 -7.07
N ASP E 23 -12.87 -21.03 -7.77
CA ASP E 23 -14.23 -20.80 -7.29
C ASP E 23 -15.23 -21.38 -8.28
N GLU E 24 -14.89 -22.51 -8.87
CA GLU E 24 -15.75 -23.17 -9.84
C GLU E 24 -17.10 -23.49 -9.19
N GLY E 25 -18.17 -22.98 -9.78
CA GLY E 25 -19.48 -23.13 -9.21
C GLY E 25 -19.72 -22.34 -7.93
N GLY E 26 -18.76 -21.55 -7.49
CA GLY E 26 -18.92 -20.77 -6.28
C GLY E 26 -18.72 -21.56 -5.00
N TRP E 27 -17.94 -22.65 -5.04
CA TRP E 27 -17.72 -23.45 -3.85
C TRP E 27 -16.89 -22.70 -2.82
N LEU E 28 -15.88 -21.95 -3.27
CA LEU E 28 -15.05 -21.22 -2.32
C LEU E 28 -15.77 -20.00 -1.76
N THR E 29 -16.67 -19.41 -2.55
CA THR E 29 -17.51 -18.33 -2.03
C THR E 29 -18.42 -18.85 -0.93
N ARG E 30 -19.08 -20.00 -1.18
CA ARG E 30 -19.97 -20.57 -0.18
C ARG E 30 -19.21 -21.00 1.08
N LEU E 31 -17.98 -21.49 0.92
CA LEU E 31 -17.20 -21.92 2.07
C LEU E 31 -16.86 -20.74 2.98
N LEU E 32 -16.36 -19.66 2.38
CA LEU E 32 -16.02 -18.49 3.17
C LEU E 32 -17.25 -17.86 3.82
N GLN E 33 -18.42 -18.01 3.19
CA GLN E 33 -19.64 -17.50 3.78
C GLN E 33 -20.04 -18.29 5.02
N THR E 34 -19.90 -19.61 4.97
CA THR E 34 -20.21 -20.43 6.14
C THR E 34 -19.17 -20.28 7.24
N LYS E 35 -17.97 -19.81 6.91
CA LYS E 35 -16.89 -19.67 7.87
C LYS E 35 -16.64 -18.21 8.26
N ASN E 36 -17.63 -17.34 8.04
CA ASN E 36 -17.54 -15.93 8.45
C ASN E 36 -16.35 -15.23 7.83
N TYR E 37 -16.02 -15.60 6.58
CA TYR E 37 -14.91 -15.03 5.82
C TYR E 37 -13.55 -15.29 6.49
N ASP E 38 -13.48 -16.30 7.36
CA ASP E 38 -12.23 -16.67 8.01
C ASP E 38 -11.46 -17.61 7.11
N ILE E 39 -10.26 -17.19 6.69
CA ILE E 39 -9.46 -18.02 5.80
C ILE E 39 -8.87 -19.20 6.57
N GLY E 40 -8.42 -18.97 7.80
CA GLY E 40 -7.92 -20.08 8.62
C GLY E 40 -8.98 -21.14 8.86
N ALA E 41 -10.20 -20.70 9.17
CA ALA E 41 -11.30 -21.65 9.34
C ALA E 41 -11.65 -22.33 8.04
N ALA E 42 -11.54 -21.60 6.92
CA ALA E 42 -11.78 -22.21 5.61
C ALA E 42 -10.69 -23.22 5.26
N LEU E 43 -9.43 -22.88 5.56
CA LEU E 43 -8.33 -23.80 5.28
C LEU E 43 -8.42 -25.06 6.13
N ASP E 44 -8.93 -24.94 7.36
CA ASP E 44 -9.09 -26.13 8.20
C ASP E 44 -10.13 -27.08 7.61
N THR E 45 -11.22 -26.54 7.07
CA THR E 45 -12.25 -27.38 6.47
C THR E 45 -11.73 -28.03 5.18
N ILE E 46 -10.94 -27.30 4.40
CA ILE E 46 -10.39 -27.85 3.17
C ILE E 46 -9.46 -29.02 3.47
N GLN E 47 -8.66 -28.89 4.53
CA GLN E 47 -7.76 -29.98 4.91
C GLN E 47 -8.52 -31.25 5.25
N TYR E 48 -9.73 -31.11 5.79
CA TYR E 48 -10.51 -32.28 6.24
C TYR E 48 -11.38 -32.81 5.11
N SER E 49 -10.79 -33.00 3.94
CA SER E 49 -11.49 -33.44 2.74
C SER E 49 -12.05 -34.85 2.91
N GLU F 4 4.88 25.95 11.28
CA GLU F 4 4.05 25.85 10.07
C GLU F 4 4.91 25.72 8.82
N ALA F 5 5.54 24.55 8.67
CA ALA F 5 6.37 24.30 7.50
C ALA F 5 5.50 24.08 6.27
N ASP F 6 6.09 24.35 5.11
CA ASP F 6 5.39 24.19 3.84
C ASP F 6 5.04 22.71 3.63
N PRO F 7 3.76 22.35 3.56
CA PRO F 7 3.41 20.94 3.35
C PRO F 7 3.92 20.37 2.04
N ARG F 8 4.16 21.21 1.03
CA ARG F 8 4.77 20.73 -0.20
C ARG F 8 6.21 20.30 0.00
N LEU F 9 6.94 20.99 0.88
CA LEU F 9 8.30 20.56 1.22
C LEU F 9 8.29 19.31 2.07
N ILE F 10 7.40 19.25 3.07
CA ILE F 10 7.32 18.09 3.94
C ILE F 10 6.98 16.84 3.13
N GLU F 11 6.10 16.98 2.13
CA GLU F 11 5.76 15.85 1.28
C GLU F 11 6.98 15.37 0.49
N SER F 12 7.69 16.30 -0.15
CA SER F 12 8.85 15.91 -0.95
C SER F 12 9.99 15.40 -0.06
N LEU F 13 10.25 16.08 1.05
CA LEU F 13 11.32 15.66 1.94
C LEU F 13 11.06 14.27 2.51
N SER F 14 9.80 13.98 2.87
CA SER F 14 9.47 12.68 3.41
C SER F 14 9.63 11.57 2.37
N GLN F 15 9.37 11.89 1.09
CA GLN F 15 9.53 10.87 0.06
C GLN F 15 11.00 10.54 -0.19
N MET F 16 11.86 11.57 -0.18
CA MET F 16 13.29 11.32 -0.38
C MET F 16 13.95 10.75 0.86
N LEU F 17 13.40 11.01 2.04
CA LEU F 17 13.90 10.35 3.24
C LEU F 17 13.66 8.85 3.18
N SER F 18 12.50 8.44 2.65
CA SER F 18 12.21 7.02 2.54
C SER F 18 13.10 6.32 1.52
N MET F 19 13.72 7.08 0.61
CA MET F 19 14.67 6.54 -0.35
C MET F 19 16.01 6.18 0.28
N GLY F 20 16.29 6.63 1.48
CA GLY F 20 17.56 6.38 2.14
C GLY F 20 18.43 7.61 2.32
N PHE F 21 17.98 8.77 1.87
CA PHE F 21 18.75 10.00 2.05
C PHE F 21 18.57 10.54 3.46
N SER F 22 19.55 11.33 3.90
CA SER F 22 19.49 12.02 5.18
C SER F 22 19.40 13.52 4.95
N ASP F 23 19.00 14.25 5.98
CA ASP F 23 18.93 15.70 5.95
C ASP F 23 19.96 16.30 6.89
N GLU F 24 21.18 15.75 6.87
CA GLU F 24 22.25 16.23 7.74
C GLU F 24 22.55 17.69 7.46
N GLY F 25 22.36 18.54 8.47
CA GLY F 25 22.56 19.96 8.29
C GLY F 25 21.54 20.64 7.43
N GLY F 26 20.42 19.99 7.13
CA GLY F 26 19.42 20.57 6.26
C GLY F 26 19.79 20.63 4.81
N TRP F 27 20.68 19.75 4.35
CA TRP F 27 21.12 19.79 2.96
C TRP F 27 20.01 19.34 2.01
N LEU F 28 19.25 18.32 2.40
CA LEU F 28 18.18 17.85 1.54
C LEU F 28 17.00 18.82 1.55
N THR F 29 16.76 19.48 2.68
CA THR F 29 15.80 20.59 2.70
C THR F 29 16.26 21.72 1.79
N ARG F 30 17.54 22.06 1.86
CA ARG F 30 18.08 23.14 1.03
C ARG F 30 17.98 22.79 -0.44
N LEU F 31 18.34 21.56 -0.80
CA LEU F 31 18.30 21.14 -2.21
C LEU F 31 16.89 21.20 -2.76
N LEU F 32 15.93 20.62 -2.04
CA LEU F 32 14.55 20.63 -2.51
C LEU F 32 14.00 22.04 -2.58
N GLN F 33 14.51 22.96 -1.76
CA GLN F 33 14.06 24.34 -1.81
C GLN F 33 14.53 25.03 -3.09
N THR F 34 15.77 24.74 -3.51
CA THR F 34 16.31 25.35 -4.72
C THR F 34 15.77 24.72 -6.00
N LYS F 35 15.08 23.58 -5.90
CA LYS F 35 14.57 22.87 -7.06
C LYS F 35 13.04 22.85 -7.11
N ASN F 36 12.39 23.77 -6.40
CA ASN F 36 10.94 23.94 -6.46
C ASN F 36 10.20 22.68 -5.97
N TYR F 37 10.77 22.02 -4.96
CA TYR F 37 10.22 20.80 -4.36
C TYR F 37 10.08 19.67 -5.37
N ASP F 38 10.77 19.76 -6.51
CA ASP F 38 10.70 18.73 -7.55
C ASP F 38 11.69 17.62 -7.21
N ILE F 39 11.16 16.43 -6.91
CA ILE F 39 12.01 15.32 -6.51
C ILE F 39 12.83 14.82 -7.69
N GLY F 40 12.21 14.76 -8.88
CA GLY F 40 12.95 14.34 -10.06
C GLY F 40 14.11 15.26 -10.39
N ALA F 41 13.94 16.55 -10.13
CA ALA F 41 15.03 17.51 -10.37
C ALA F 41 16.13 17.37 -9.32
N ALA F 42 15.75 17.11 -8.06
CA ALA F 42 16.75 16.88 -7.03
C ALA F 42 17.55 15.62 -7.29
N LEU F 43 16.89 14.56 -7.77
CA LEU F 43 17.61 13.33 -8.08
C LEU F 43 18.58 13.53 -9.24
N ASP F 44 18.20 14.37 -10.20
CA ASP F 44 19.11 14.72 -11.29
C ASP F 44 20.31 15.49 -10.77
N THR F 45 20.09 16.43 -9.84
CA THR F 45 21.19 17.20 -9.29
C THR F 45 22.11 16.32 -8.46
N ILE F 46 21.54 15.37 -7.72
CA ILE F 46 22.36 14.45 -6.93
C ILE F 46 23.23 13.61 -7.86
N GLN F 47 22.69 13.23 -9.01
CA GLN F 47 23.42 12.40 -9.97
C GLN F 47 24.43 13.18 -10.79
N TYR F 48 24.38 14.51 -10.73
CA TYR F 48 25.26 15.37 -11.52
C TYR F 48 26.73 15.14 -11.20
N GLU G 4 -6.32 -26.37 -7.55
CA GLU G 4 -5.59 -26.07 -8.78
C GLU G 4 -6.45 -25.24 -9.73
N ALA G 5 -5.89 -24.14 -10.23
CA ALA G 5 -6.63 -23.25 -11.11
C ALA G 5 -5.67 -22.58 -12.08
N ASP G 6 -6.22 -22.10 -13.19
CA ASP G 6 -5.41 -21.42 -14.19
C ASP G 6 -4.99 -20.06 -13.66
N PRO G 7 -3.68 -19.75 -13.65
CA PRO G 7 -3.26 -18.43 -13.17
C PRO G 7 -3.85 -17.27 -13.95
N ARG G 8 -4.10 -17.45 -15.25
CA ARG G 8 -4.73 -16.38 -16.03
C ARG G 8 -6.17 -16.17 -15.60
N LEU G 9 -6.87 -17.22 -15.19
CA LEU G 9 -8.22 -17.07 -14.66
C LEU G 9 -8.19 -16.36 -13.32
N ILE G 10 -7.29 -16.77 -12.43
CA ILE G 10 -7.16 -16.12 -11.13
C ILE G 10 -6.83 -14.64 -11.29
N GLU G 11 -6.03 -14.32 -12.31
CA GLU G 11 -5.68 -12.93 -12.57
C GLU G 11 -6.91 -12.12 -12.99
N SER G 12 -7.63 -12.61 -14.01
CA SER G 12 -8.80 -11.88 -14.50
C SER G 12 -9.90 -11.84 -13.45
N LEU G 13 -10.10 -12.95 -12.73
CA LEU G 13 -11.17 -13.00 -11.73
C LEU G 13 -10.89 -12.04 -10.58
N SER G 14 -9.65 -12.01 -10.09
CA SER G 14 -9.32 -11.13 -8.98
C SER G 14 -9.45 -9.67 -9.37
N GLN G 15 -9.16 -9.33 -10.63
CA GLN G 15 -9.34 -7.95 -11.09
C GLN G 15 -10.81 -7.55 -11.05
N MET G 16 -11.69 -8.40 -11.58
CA MET G 16 -13.10 -8.07 -11.62
C MET G 16 -13.75 -8.18 -10.25
N LEU G 17 -13.15 -8.94 -9.32
CA LEU G 17 -13.65 -8.93 -7.95
C LEU G 17 -13.41 -7.59 -7.28
N SER G 18 -12.25 -6.98 -7.54
CA SER G 18 -11.95 -5.67 -6.98
C SER G 18 -12.79 -4.56 -7.59
N MET G 19 -13.46 -4.82 -8.71
CA MET G 19 -14.34 -3.83 -9.34
C MET G 19 -15.72 -3.80 -8.71
N GLY G 20 -16.02 -4.71 -7.78
CA GLY G 20 -17.30 -4.74 -7.11
C GLY G 20 -18.20 -5.89 -7.48
N PHE G 21 -17.76 -6.78 -8.37
CA PHE G 21 -18.56 -7.93 -8.76
C PHE G 21 -18.30 -9.11 -7.83
N SER G 22 -19.30 -9.96 -7.69
CA SER G 22 -19.19 -11.19 -6.92
C SER G 22 -19.08 -12.39 -7.86
N ASP G 23 -18.81 -13.55 -7.27
CA ASP G 23 -18.77 -14.81 -8.00
C ASP G 23 -19.75 -15.80 -7.40
N GLU G 24 -20.92 -15.31 -7.00
CA GLU G 24 -21.96 -16.15 -6.43
C GLU G 24 -22.39 -17.22 -7.44
N GLY G 25 -22.25 -18.48 -7.06
CA GLY G 25 -22.56 -19.57 -7.96
C GLY G 25 -21.55 -19.80 -9.06
N GLY G 26 -20.43 -19.08 -9.07
CA GLY G 26 -19.44 -19.24 -10.10
C GLY G 26 -19.76 -18.58 -11.42
N TRP G 27 -20.70 -17.63 -11.44
CA TRP G 27 -21.10 -17.00 -12.70
C TRP G 27 -19.96 -16.19 -13.30
N LEU G 28 -19.18 -15.50 -12.46
CA LEU G 28 -18.08 -14.70 -12.99
C LEU G 28 -16.93 -15.58 -13.45
N THR G 29 -16.80 -16.78 -12.87
CA THR G 29 -15.83 -17.75 -13.36
C THR G 29 -16.22 -18.24 -14.74
N ARG G 30 -17.50 -18.58 -14.93
CA ARG G 30 -17.96 -19.10 -16.22
C ARG G 30 -17.88 -18.03 -17.30
N LEU G 31 -18.20 -16.78 -16.96
CA LEU G 31 -18.18 -15.72 -17.95
C LEU G 31 -16.77 -15.46 -18.45
N LEU G 32 -15.80 -15.40 -17.55
CA LEU G 32 -14.41 -15.21 -17.97
C LEU G 32 -13.90 -16.41 -18.77
N GLN G 33 -14.47 -17.59 -18.53
CA GLN G 33 -14.04 -18.77 -19.27
C GLN G 33 -14.56 -18.75 -20.70
N THR G 34 -15.78 -18.26 -20.90
N THR G 34 -15.78 -18.26 -20.90
CA THR G 34 -16.33 -18.16 -22.25
CA THR G 34 -16.35 -18.13 -22.24
C THR G 34 -15.88 -16.89 -22.98
C THR G 34 -15.81 -16.94 -23.00
N LYS G 35 -15.02 -16.07 -22.37
CA LYS G 35 -14.51 -14.87 -22.99
C LYS G 35 -12.98 -14.87 -23.07
N ASN G 36 -12.36 -16.04 -22.95
CA ASN G 36 -10.90 -16.20 -23.08
C ASN G 36 -10.16 -15.38 -22.02
N TYR G 37 -10.74 -15.28 -20.83
CA TYR G 37 -10.17 -14.53 -19.70
C TYR G 37 -10.04 -13.04 -20.01
N ASP G 38 -10.77 -12.54 -21.00
CA ASP G 38 -10.70 -11.14 -21.40
C ASP G 38 -11.69 -10.33 -20.57
N ILE G 39 -11.18 -9.36 -19.82
CA ILE G 39 -12.03 -8.57 -18.94
C ILE G 39 -12.85 -7.57 -19.74
N GLY G 40 -12.25 -6.94 -20.75
CA GLY G 40 -13.00 -6.03 -21.60
C GLY G 40 -14.16 -6.71 -22.32
N ALA G 41 -13.94 -7.97 -22.73
CA ALA G 41 -15.02 -8.72 -23.36
C ALA G 41 -16.07 -9.15 -22.34
N ALA G 42 -15.65 -9.41 -21.10
CA ALA G 42 -16.61 -9.76 -20.06
C ALA G 42 -17.47 -8.56 -19.69
N LEU G 43 -16.87 -7.37 -19.64
CA LEU G 43 -17.65 -6.16 -19.33
C LEU G 43 -18.62 -5.82 -20.46
N ASP G 44 -18.27 -6.12 -21.71
CA ASP G 44 -19.19 -5.90 -22.81
C ASP G 44 -20.42 -6.79 -22.68
N THR G 45 -20.27 -8.00 -22.14
CA THR G 45 -21.40 -8.90 -21.95
C THR G 45 -22.23 -8.50 -20.74
N ILE G 46 -21.57 -8.10 -19.65
CA ILE G 46 -22.29 -7.67 -18.45
C ILE G 46 -23.14 -6.44 -18.76
N GLN G 47 -22.63 -5.55 -19.61
CA GLN G 47 -23.40 -4.35 -19.97
C GLN G 47 -24.68 -4.73 -20.70
N TYR G 48 -24.60 -5.70 -21.62
CA TYR G 48 -25.76 -6.15 -22.38
C TYR G 48 -26.46 -7.28 -21.63
N SER G 49 -27.10 -6.90 -20.53
CA SER G 49 -27.80 -7.87 -19.69
C SER G 49 -28.79 -7.16 -18.79
N LYS G 50 -28.92 -5.84 -18.95
CA LYS G 50 -29.84 -5.02 -18.17
C LYS G 50 -29.58 -5.17 -16.67
N ALA H 5 21.41 6.66 5.73
CA ALA H 5 20.60 7.15 6.85
C ALA H 5 20.03 6.00 7.66
N ASP H 6 20.09 6.14 8.99
CA ASP H 6 19.57 5.12 9.88
C ASP H 6 18.06 5.00 9.70
N PRO H 7 17.53 3.81 9.40
CA PRO H 7 16.08 3.68 9.22
C PRO H 7 15.27 4.03 10.46
N ARG H 8 15.87 3.91 11.65
CA ARG H 8 15.17 4.31 12.86
C ARG H 8 15.03 5.82 12.94
N LEU H 9 16.09 6.56 12.57
CA LEU H 9 15.98 8.01 12.50
C LEU H 9 15.01 8.45 11.42
N ILE H 10 14.94 7.70 10.32
CA ILE H 10 14.06 8.09 9.21
C ILE H 10 12.61 8.00 9.62
N GLU H 11 12.23 6.96 10.37
CA GLU H 11 10.84 6.84 10.81
C GLU H 11 10.50 7.90 11.84
N SER H 12 11.42 8.20 12.76
N SER H 12 11.42 8.20 12.76
CA SER H 12 11.16 9.23 13.77
CA SER H 12 11.15 9.22 13.77
C SER H 12 11.11 10.61 13.15
C SER H 12 11.11 10.61 13.15
N LEU H 13 12.02 10.90 12.22
CA LEU H 13 12.02 12.20 11.56
C LEU H 13 10.81 12.37 10.67
N SER H 14 10.43 11.32 9.94
CA SER H 14 9.26 11.41 9.06
C SER H 14 7.98 11.61 9.86
N GLN H 15 7.90 11.02 11.06
CA GLN H 15 6.70 11.19 11.88
C GLN H 15 6.62 12.60 12.45
N MET H 16 7.76 13.20 12.79
CA MET H 16 7.75 14.57 13.30
C MET H 16 7.59 15.59 12.18
N LEU H 17 8.00 15.26 10.96
CA LEU H 17 7.73 16.14 9.84
C LEU H 17 6.24 16.22 9.54
N SER H 18 5.53 15.09 9.65
CA SER H 18 4.09 15.11 9.45
C SER H 18 3.35 15.81 10.57
N MET H 19 4.01 16.05 11.71
CA MET H 19 3.41 16.84 12.78
C MET H 19 3.43 18.33 12.48
N GLY H 20 4.23 18.78 11.53
CA GLY H 20 4.35 20.18 11.19
C GLY H 20 5.74 20.75 11.37
N PHE H 21 6.67 20.01 11.98
CA PHE H 21 8.02 20.52 12.17
C PHE H 21 8.79 20.47 10.86
N SER H 22 9.87 21.25 10.81
CA SER H 22 10.79 21.25 9.68
C SER H 22 12.18 20.86 10.17
N ASP H 23 13.03 20.49 9.22
CA ASP H 23 14.42 20.17 9.51
C ASP H 23 15.35 21.20 8.87
N GLU H 24 15.00 22.48 9.01
CA GLU H 24 15.83 23.55 8.46
C GLU H 24 17.16 23.59 9.18
N GLY H 25 18.24 23.43 8.43
CA GLY H 25 19.57 23.37 9.03
C GLY H 25 19.86 22.09 9.77
N GLY H 26 19.00 21.09 9.67
CA GLY H 26 19.22 19.84 10.36
C GLY H 26 19.03 19.90 11.87
N TRP H 27 18.22 20.84 12.35
CA TRP H 27 18.01 20.97 13.79
C TRP H 27 17.21 19.80 14.34
N LEU H 28 16.20 19.35 13.60
CA LEU H 28 15.37 18.25 14.08
C LEU H 28 16.08 16.91 13.93
N THR H 29 16.94 16.78 12.93
CA THR H 29 17.79 15.59 12.82
C THR H 29 18.75 15.52 14.00
N ARG H 30 19.43 16.63 14.31
CA ARG H 30 20.35 16.63 15.43
C ARG H 30 19.62 16.43 16.75
N LEU H 31 18.41 16.98 16.87
CA LEU H 31 17.64 16.81 18.10
C LEU H 31 17.30 15.35 18.35
N LEU H 32 16.73 14.68 17.35
CA LEU H 32 16.41 13.26 17.50
C LEU H 32 17.66 12.43 17.72
N GLN H 33 18.79 12.84 17.13
CA GLN H 33 20.04 12.11 17.35
C GLN H 33 20.51 12.21 18.79
N THR H 34 20.26 13.35 19.45
CA THR H 34 20.63 13.52 20.84
C THR H 34 19.64 12.86 21.80
N LYS H 35 18.45 12.49 21.32
CA LYS H 35 17.42 11.91 22.18
C LYS H 35 17.17 10.44 21.87
N ASN H 36 18.12 9.77 21.20
CA ASN H 36 18.02 8.34 20.92
C ASN H 36 16.78 8.02 20.07
N TYR H 37 16.47 8.90 19.13
CA TYR H 37 15.34 8.77 18.20
C TYR H 37 13.99 8.75 18.93
N ASP H 38 13.96 9.16 20.20
CA ASP H 38 12.74 9.16 20.98
C ASP H 38 11.92 10.39 20.62
N ILE H 39 10.75 10.18 19.99
CA ILE H 39 9.90 11.30 19.61
C ILE H 39 9.31 11.97 20.84
N GLY H 40 8.87 11.17 21.82
CA GLY H 40 8.32 11.75 23.03
C GLY H 40 9.33 12.58 23.80
N ALA H 41 10.58 12.14 23.82
CA ALA H 41 11.62 12.91 24.48
C ALA H 41 11.97 14.18 23.71
N ALA H 42 11.90 14.12 22.37
CA ALA H 42 12.15 15.31 21.58
C ALA H 42 11.03 16.34 21.76
N LEU H 43 9.78 15.88 21.88
CA LEU H 43 8.68 16.81 22.10
C LEU H 43 8.80 17.50 23.45
N ASP H 44 9.32 16.79 24.46
CA ASP H 44 9.56 17.42 25.75
C ASP H 44 10.64 18.49 25.65
N THR H 45 11.67 18.24 24.83
CA THR H 45 12.73 19.22 24.65
C THR H 45 12.24 20.42 23.86
N ILE H 46 11.42 20.18 22.83
CA ILE H 46 10.85 21.29 22.06
C ILE H 46 9.94 22.14 22.95
N GLN H 47 9.15 21.49 23.81
CA GLN H 47 8.27 22.21 24.71
C GLN H 47 9.07 23.00 25.74
N TYR H 48 10.06 22.37 26.37
CA TYR H 48 10.89 23.02 27.38
C TYR H 48 12.08 23.67 26.68
N SER H 49 11.89 24.92 26.27
CA SER H 49 12.94 25.66 25.58
C SER H 49 12.83 27.16 25.85
#